data_1ZOV
#
_entry.id   1ZOV
#
_cell.length_a   171.042
_cell.length_b   171.042
_cell.length_c   72.455
_cell.angle_alpha   90.00
_cell.angle_beta   90.00
_cell.angle_gamma   90.00
#
_symmetry.space_group_name_H-M   'P 41 21 2'
#
loop_
_entity.id
_entity.type
_entity.pdbx_description
1 polymer 'Monomeric sarcosine oxidase'
2 non-polymer 'CHLORIDE ION'
3 non-polymer 'FLAVIN-ADENINE DINUCLEOTIDE'
4 water water
#
_entity_poly.entity_id   1
_entity_poly.type   'polypeptide(L)'
_entity_poly.pdbx_seq_one_letter_code
;STHFDVIVVGAGSMGMAAGYYLAKQGVKTLLVDSFDPPHTNGSHHGDTRIIRHAYGEGREYVPFALRAQELWYELEKETH
HKIFTQTGVLVYGPKGGSAFVSETMEAANIHSLEHELFEGKQLTDRWAGVEVPDNYEAIFEPNSGVLFSENCIQAYRELA
EAHGATVLTYTPVEDFEVTEDLVTIKTAKGSYTANKLVVSMGAWNSKLLSKLDVEIPLQPYRQVVGFFECDEAKYSNNAH
YPAFMVEVENGIYYGFPSFGGSGLKIGYHSYGQQIDPDTINREFGAYPEDEANLRKFLEQYMPGANGELKKGAVCMYTKT
PDEHFVIDLHPKYSNVAIAAGFSGHGFKFSSVVGETLAQLATTGKTEHDISIFSLNRDALKKEAVK
;
_entity_poly.pdbx_strand_id   A,B
#
loop_
_chem_comp.id
_chem_comp.type
_chem_comp.name
_chem_comp.formula
CL non-polymer 'CHLORIDE ION' 'Cl -1'
FAD non-polymer 'FLAVIN-ADENINE DINUCLEOTIDE' 'C27 H33 N9 O15 P2'
#
# COMPACT_ATOMS: atom_id res chain seq x y z
N SER A 1 7.91 -35.64 7.56
CA SER A 1 6.99 -36.24 6.56
C SER A 1 7.11 -35.51 5.24
N THR A 2 7.04 -36.27 4.15
CA THR A 2 7.00 -35.69 2.82
C THR A 2 5.58 -35.74 2.23
N HIS A 3 4.58 -35.93 3.09
CA HIS A 3 3.20 -35.88 2.64
C HIS A 3 2.48 -34.61 3.06
N PHE A 4 1.72 -34.03 2.14
CA PHE A 4 0.95 -32.79 2.36
C PHE A 4 -0.49 -32.99 1.94
N ASP A 5 -1.39 -32.09 2.33
CA ASP A 5 -2.75 -32.12 1.81
C ASP A 5 -2.73 -31.77 0.31
N VAL A 6 -2.03 -30.69 -0.03
CA VAL A 6 -1.94 -30.18 -1.40
C VAL A 6 -0.51 -29.82 -1.73
N ILE A 7 -0.07 -30.19 -2.93
CA ILE A 7 1.15 -29.69 -3.53
C ILE A 7 0.76 -28.76 -4.68
N VAL A 8 1.41 -27.60 -4.72
CA VAL A 8 1.31 -26.63 -5.80
C VAL A 8 2.62 -26.64 -6.54
N VAL A 9 2.58 -27.00 -7.81
CA VAL A 9 3.76 -27.07 -8.63
C VAL A 9 3.76 -25.84 -9.51
N GLY A 10 4.72 -24.96 -9.24
CA GLY A 10 4.81 -23.67 -9.90
C GLY A 10 4.20 -22.65 -8.96
N ALA A 11 5.07 -22.01 -8.19
CA ALA A 11 4.65 -21.05 -7.17
C ALA A 11 4.85 -19.61 -7.61
N GLY A 12 4.31 -19.26 -8.77
CA GLY A 12 4.39 -17.92 -9.31
C GLY A 12 3.07 -17.19 -9.10
N SER A 13 2.60 -16.52 -10.13
CA SER A 13 1.44 -15.63 -9.99
C SER A 13 0.22 -16.40 -9.46
N MET A 14 -0.10 -17.51 -10.13
CA MET A 14 -1.29 -18.27 -9.80
C MET A 14 -1.02 -19.20 -8.64
N GLY A 15 0.14 -19.86 -8.63
CA GLY A 15 0.43 -20.87 -7.63
C GLY A 15 0.66 -20.30 -6.25
N MET A 16 1.37 -19.16 -6.17
CA MET A 16 1.61 -18.57 -4.86
C MET A 16 0.30 -18.06 -4.28
N ALA A 17 -0.56 -17.47 -5.10
CA ALA A 17 -1.88 -17.07 -4.65
C ALA A 17 -2.69 -18.27 -4.13
N ALA A 18 -2.66 -19.36 -4.88
CA ALA A 18 -3.39 -20.59 -4.46
C ALA A 18 -2.87 -21.07 -3.11
N GLY A 19 -1.54 -21.07 -2.95
CA GLY A 19 -0.90 -21.46 -1.71
C GLY A 19 -1.36 -20.62 -0.53
N TYR A 20 -1.46 -19.31 -0.73
CA TYR A 20 -2.01 -18.44 0.32
C TYR A 20 -3.46 -18.79 0.70
N TYR A 21 -4.35 -18.90 -0.29
CA TYR A 21 -5.77 -19.18 0.00
C TYR A 21 -5.98 -20.58 0.62
N LEU A 22 -5.08 -21.51 0.33
CA LEU A 22 -5.09 -22.84 0.95
C LEU A 22 -4.56 -22.77 2.37
N ALA A 23 -3.39 -22.20 2.53
CA ALA A 23 -2.73 -22.17 3.81
C ALA A 23 -3.52 -21.39 4.87
N LYS A 24 -4.21 -20.31 4.45
CA LYS A 24 -4.96 -19.49 5.38
C LYS A 24 -6.18 -20.19 5.94
N GLN A 25 -6.67 -21.22 5.25
CA GLN A 25 -7.79 -22.02 5.79
C GLN A 25 -7.31 -23.32 6.46
N GLY A 26 -6.01 -23.44 6.69
CA GLY A 26 -5.43 -24.52 7.47
C GLY A 26 -5.06 -25.75 6.65
N VAL A 27 -5.09 -25.61 5.32
CA VAL A 27 -4.72 -26.71 4.42
C VAL A 27 -3.20 -26.83 4.40
N LYS A 28 -2.69 -28.02 4.71
CA LYS A 28 -1.26 -28.28 4.78
C LYS A 28 -0.69 -28.33 3.38
N THR A 29 0.13 -27.34 3.03
CA THR A 29 0.47 -27.12 1.64
C THR A 29 1.96 -27.11 1.40
N LEU A 30 2.37 -27.66 0.26
CA LEU A 30 3.74 -27.58 -0.20
C LEU A 30 3.74 -26.87 -1.52
N LEU A 31 4.54 -25.81 -1.63
CA LEU A 31 4.71 -25.04 -2.86
C LEU A 31 6.10 -25.30 -3.40
N VAL A 32 6.21 -25.72 -4.65
CA VAL A 32 7.48 -26.14 -5.22
C VAL A 32 7.76 -25.27 -6.43
N ASP A 33 8.95 -24.70 -6.52
CA ASP A 33 9.28 -23.85 -7.65
C ASP A 33 10.69 -24.09 -8.14
N SER A 34 10.87 -23.96 -9.44
CA SER A 34 12.18 -24.10 -10.08
C SER A 34 13.16 -23.03 -9.67
N PHE A 35 12.63 -21.89 -9.26
CA PHE A 35 13.45 -20.74 -8.87
C PHE A 35 13.04 -20.27 -7.47
N ASP A 36 13.20 -18.97 -7.17
CA ASP A 36 12.96 -18.42 -5.84
C ASP A 36 11.99 -17.23 -5.98
N PRO A 37 10.67 -17.47 -5.97
CA PRO A 37 9.68 -16.42 -6.31
C PRO A 37 9.51 -15.30 -5.29
N PRO A 38 9.30 -14.07 -5.75
CA PRO A 38 9.27 -13.70 -7.17
C PRO A 38 10.68 -13.66 -7.78
N HIS A 39 10.79 -14.02 -9.04
CA HIS A 39 12.07 -14.09 -9.75
C HIS A 39 11.89 -13.53 -11.16
N THR A 40 12.96 -13.56 -11.97
CA THR A 40 12.91 -12.97 -13.32
C THR A 40 12.98 -13.98 -14.46
N ASN A 41 12.60 -15.23 -14.20
CA ASN A 41 12.63 -16.27 -15.24
C ASN A 41 11.28 -16.70 -15.78
N GLY A 42 10.21 -16.21 -15.18
CA GLY A 42 8.86 -16.52 -15.61
C GLY A 42 8.11 -15.36 -16.21
N SER A 43 6.88 -15.18 -15.76
CA SER A 43 5.94 -14.27 -16.38
C SER A 43 5.47 -13.14 -15.46
N HIS A 44 6.07 -13.01 -14.27
CA HIS A 44 5.53 -12.07 -13.26
C HIS A 44 6.41 -10.86 -12.90
N HIS A 45 7.57 -10.71 -13.56
CA HIS A 45 8.50 -9.61 -13.22
C HIS A 45 8.29 -8.40 -14.14
N GLY A 46 9.13 -7.37 -14.00
CA GLY A 46 8.87 -6.11 -14.68
C GLY A 46 8.05 -5.17 -13.81
N ASP A 47 7.95 -5.50 -12.52
CA ASP A 47 7.46 -4.64 -11.45
C ASP A 47 5.94 -4.41 -11.39
N THR A 48 5.29 -4.15 -12.54
CA THR A 48 3.93 -3.62 -12.55
C THR A 48 3.06 -4.35 -13.55
N ARG A 49 1.77 -4.47 -13.22
CA ARG A 49 0.75 -5.06 -14.08
C ARG A 49 -0.52 -4.21 -14.04
N ILE A 50 -1.25 -4.12 -15.15
CA ILE A 50 -2.51 -3.41 -15.19
C ILE A 50 -3.64 -4.32 -14.71
N ILE A 51 -4.54 -3.79 -13.90
CA ILE A 51 -5.84 -4.39 -13.69
C ILE A 51 -6.87 -3.41 -14.21
N ARG A 52 -7.82 -3.92 -15.00
CA ARG A 52 -8.95 -3.13 -15.47
C ARG A 52 -10.18 -4.02 -15.46
N HIS A 53 -11.35 -3.40 -15.52
CA HIS A 53 -12.62 -4.12 -15.36
C HIS A 53 -13.50 -4.18 -16.61
N ALA A 54 -13.35 -3.22 -17.53
CA ALA A 54 -14.21 -3.13 -18.71
C ALA A 54 -13.76 -4.09 -19.80
N TYR A 55 -13.95 -5.37 -19.51
CA TYR A 55 -13.29 -6.44 -20.20
C TYR A 55 -14.17 -6.91 -21.33
N GLY A 56 -13.81 -6.55 -22.55
CA GLY A 56 -14.60 -6.87 -23.71
C GLY A 56 -14.38 -8.27 -24.24
N GLU A 57 -13.43 -9.03 -23.68
CA GLU A 57 -13.10 -10.35 -24.21
C GLU A 57 -14.14 -11.41 -23.83
N GLY A 58 -15.08 -11.04 -22.95
CA GLY A 58 -16.18 -11.92 -22.58
C GLY A 58 -16.81 -11.51 -21.26
N ARG A 59 -18.12 -11.70 -21.15
CA ARG A 59 -18.88 -11.30 -19.97
C ARG A 59 -18.37 -11.94 -18.66
N GLU A 60 -17.83 -13.14 -18.74
CA GLU A 60 -17.45 -13.88 -17.53
C GLU A 60 -16.22 -13.26 -16.88
N TYR A 61 -15.40 -12.59 -17.68
CA TYR A 61 -14.20 -11.92 -17.15
C TYR A 61 -14.53 -10.80 -16.19
N VAL A 62 -15.71 -10.18 -16.34
CA VAL A 62 -16.05 -9.00 -15.53
C VAL A 62 -16.27 -9.30 -14.04
N PRO A 63 -17.14 -10.24 -13.67
CA PRO A 63 -17.21 -10.62 -12.24
C PRO A 63 -15.91 -11.24 -11.72
N PHE A 64 -15.13 -11.87 -12.60
CA PHE A 64 -13.83 -12.43 -12.21
C PHE A 64 -12.90 -11.27 -11.82
N ALA A 65 -12.85 -10.22 -12.62
CA ALA A 65 -12.04 -9.02 -12.32
C ALA A 65 -12.52 -8.27 -11.07
N LEU A 66 -13.83 -8.16 -10.91
CA LEU A 66 -14.39 -7.52 -9.73
C LEU A 66 -14.05 -8.26 -8.46
N ARG A 67 -14.14 -9.59 -8.48
CA ARG A 67 -13.70 -10.36 -7.33
C ARG A 67 -12.19 -10.21 -7.14
N ALA A 68 -11.42 -10.27 -8.21
CA ALA A 68 -9.97 -10.12 -8.09
C ALA A 68 -9.62 -8.82 -7.36
N GLN A 69 -10.29 -7.74 -7.72
CA GLN A 69 -10.00 -6.44 -7.14
C GLN A 69 -10.36 -6.43 -5.65
N GLU A 70 -11.50 -7.01 -5.28
CA GLU A 70 -11.83 -7.19 -3.86
C GLU A 70 -10.69 -7.89 -3.12
N LEU A 71 -10.19 -8.99 -3.70
CA LEU A 71 -9.12 -9.75 -3.08
C LEU A 71 -7.79 -8.97 -3.00
N TRP A 72 -7.50 -8.15 -4.00
CA TRP A 72 -6.30 -7.34 -3.94
C TRP A 72 -6.38 -6.30 -2.81
N TYR A 73 -7.56 -5.73 -2.61
CA TYR A 73 -7.72 -4.74 -1.55
C TYR A 73 -7.58 -5.42 -0.19
N GLU A 74 -8.06 -6.65 -0.09
CA GLU A 74 -7.87 -7.41 1.15
C GLU A 74 -6.37 -7.72 1.38
N LEU A 75 -5.63 -8.06 0.34
CA LEU A 75 -4.21 -8.34 0.48
C LEU A 75 -3.42 -7.09 0.91
N GLU A 76 -3.76 -5.95 0.32
CA GLU A 76 -3.18 -4.65 0.71
C GLU A 76 -3.30 -4.44 2.23
N LYS A 77 -4.43 -4.84 2.82
CA LYS A 77 -4.62 -4.65 4.27
C LYS A 77 -3.80 -5.60 5.13
N GLU A 78 -3.36 -6.70 4.56
CA GLU A 78 -2.69 -7.73 5.35
C GLU A 78 -1.16 -7.62 5.36
N THR A 79 -0.58 -6.97 4.36
CA THR A 79 0.87 -6.91 4.21
C THR A 79 1.42 -5.49 4.31
N HIS A 80 2.72 -5.36 4.50
CA HIS A 80 3.39 -4.07 4.48
C HIS A 80 3.91 -3.71 3.08
N HIS A 81 3.85 -4.65 2.14
CA HIS A 81 4.24 -4.39 0.75
C HIS A 81 3.12 -3.66 0.04
N LYS A 82 3.48 -2.72 -0.83
CA LYS A 82 2.49 -2.04 -1.68
C LYS A 82 1.96 -3.02 -2.71
N ILE A 83 0.64 -3.06 -2.83
CA ILE A 83 -0.04 -3.99 -3.73
C ILE A 83 -0.65 -3.29 -4.94
N PHE A 84 -1.37 -2.20 -4.71
CA PHE A 84 -2.19 -1.59 -5.76
C PHE A 84 -2.18 -0.07 -5.65
N THR A 85 -2.03 0.61 -6.78
CA THR A 85 -2.25 2.05 -6.85
C THR A 85 -3.25 2.37 -7.98
N GLN A 86 -4.18 3.27 -7.69
CA GLN A 86 -5.32 3.53 -8.58
C GLN A 86 -5.01 4.62 -9.61
N THR A 87 -4.16 4.26 -10.58
CA THR A 87 -3.76 5.19 -11.64
C THR A 87 -4.89 5.49 -12.61
N GLY A 88 -5.89 4.62 -12.69
CA GLY A 88 -6.81 4.61 -13.80
C GLY A 88 -6.16 3.98 -15.01
N VAL A 89 -6.97 3.61 -15.97
CA VAL A 89 -6.49 2.98 -17.19
C VAL A 89 -7.17 3.62 -18.37
N LEU A 90 -6.33 4.11 -19.28
CA LEU A 90 -6.75 4.76 -20.51
C LEU A 90 -6.62 3.78 -21.66
N VAL A 91 -7.69 3.67 -22.43
CA VAL A 91 -7.77 2.85 -23.63
C VAL A 91 -8.15 3.78 -24.78
N TYR A 92 -7.36 3.78 -25.86
CA TYR A 92 -7.73 4.58 -27.03
C TYR A 92 -7.40 3.87 -28.32
N GLY A 93 -7.94 4.39 -29.41
CA GLY A 93 -7.68 3.87 -30.72
C GLY A 93 -8.46 4.62 -31.78
N PRO A 94 -8.26 4.29 -33.05
CA PRO A 94 -8.97 4.98 -34.13
C PRO A 94 -10.47 4.76 -34.05
N LYS A 95 -11.25 5.82 -34.20
CA LYS A 95 -12.71 5.74 -34.30
C LYS A 95 -13.11 4.78 -35.41
N GLY A 96 -14.03 3.86 -35.12
CA GLY A 96 -14.50 2.90 -36.10
C GLY A 96 -13.43 1.97 -36.65
N GLY A 97 -12.35 1.76 -35.91
CA GLY A 97 -11.20 0.98 -36.41
C GLY A 97 -10.44 0.19 -35.37
N SER A 98 -11.03 0.05 -34.19
CA SER A 98 -10.42 -0.71 -33.10
C SER A 98 -11.48 -1.54 -32.43
N ALA A 99 -11.46 -2.85 -32.71
CA ALA A 99 -12.33 -3.80 -32.03
C ALA A 99 -12.13 -3.69 -30.52
N PHE A 100 -10.86 -3.59 -30.11
CA PHE A 100 -10.53 -3.51 -28.68
C PHE A 100 -11.19 -2.30 -27.98
N VAL A 101 -11.09 -1.11 -28.56
CA VAL A 101 -11.70 0.07 -27.96
C VAL A 101 -13.22 -0.08 -27.91
N SER A 102 -13.82 -0.50 -29.02
CA SER A 102 -15.27 -0.69 -29.10
C SER A 102 -15.77 -1.66 -28.07
N GLU A 103 -15.11 -2.80 -27.95
CA GLU A 103 -15.49 -3.86 -27.00
C GLU A 103 -15.37 -3.36 -25.55
N THR A 104 -14.37 -2.52 -25.30
CA THR A 104 -14.15 -1.93 -23.98
C THR A 104 -15.27 -0.97 -23.60
N MET A 105 -15.66 -0.13 -24.55
CA MET A 105 -16.69 0.88 -24.33
C MET A 105 -18.03 0.20 -24.09
N GLU A 106 -18.32 -0.80 -24.91
CA GLU A 106 -19.54 -1.59 -24.78
C GLU A 106 -19.57 -2.26 -23.40
N ALA A 107 -18.45 -2.86 -23.00
CA ALA A 107 -18.36 -3.52 -21.70
C ALA A 107 -18.61 -2.55 -20.54
N ALA A 108 -18.05 -1.35 -20.64
CA ALA A 108 -18.24 -0.34 -19.62
C ALA A 108 -19.72 0.06 -19.50
N ASN A 109 -20.43 0.10 -20.62
CA ASN A 109 -21.85 0.43 -20.64
C ASN A 109 -22.70 -0.72 -20.10
N ILE A 110 -22.51 -1.92 -20.64
CA ILE A 110 -23.27 -3.11 -20.21
C ILE A 110 -23.17 -3.37 -18.71
N HIS A 111 -21.97 -3.25 -18.15
CA HIS A 111 -21.73 -3.57 -16.74
C HIS A 111 -21.79 -2.36 -15.80
N SER A 112 -22.18 -1.20 -16.32
CA SER A 112 -22.35 0.02 -15.54
C SER A 112 -21.11 0.43 -14.72
N LEU A 113 -19.95 0.39 -15.39
CA LEU A 113 -18.67 0.81 -14.80
C LEU A 113 -18.40 2.29 -15.00
N GLU A 114 -17.89 2.95 -13.96
CA GLU A 114 -17.56 4.37 -14.03
C GLU A 114 -16.50 4.57 -15.13
N HIS A 115 -16.75 5.53 -16.01
CA HIS A 115 -15.83 5.82 -17.08
C HIS A 115 -16.08 7.20 -17.67
N GLU A 116 -15.11 7.67 -18.44
CA GLU A 116 -15.19 8.93 -19.14
C GLU A 116 -14.69 8.75 -20.58
N LEU A 117 -15.35 9.44 -21.51
CA LEU A 117 -15.01 9.35 -22.92
C LEU A 117 -14.30 10.63 -23.38
N PHE A 118 -13.35 10.47 -24.28
CA PHE A 118 -12.61 11.59 -24.86
C PHE A 118 -12.51 11.37 -26.36
N GLU A 119 -12.46 12.45 -27.13
CA GLU A 119 -12.16 12.37 -28.55
C GLU A 119 -11.00 13.31 -28.88
N GLY A 120 -9.99 12.80 -29.57
CA GLY A 120 -8.96 13.64 -30.16
C GLY A 120 -8.17 14.49 -29.21
N LYS A 121 -8.27 15.81 -29.38
CA LYS A 121 -7.50 16.80 -28.59
C LYS A 121 -7.92 16.84 -27.14
N GLN A 122 -9.15 16.41 -26.85
CA GLN A 122 -9.62 16.31 -25.48
C GLN A 122 -8.69 15.44 -24.60
N LEU A 123 -8.05 14.43 -25.20
CA LEU A 123 -7.09 13.58 -24.45
C LEU A 123 -5.93 14.40 -23.97
N THR A 124 -5.28 15.14 -24.88
CA THR A 124 -4.14 15.99 -24.54
C THR A 124 -4.49 17.12 -23.55
N ASP A 125 -5.71 17.63 -23.60
CA ASP A 125 -6.16 18.66 -22.66
C ASP A 125 -6.22 18.08 -21.23
N ARG A 126 -6.54 16.80 -21.13
CA ARG A 126 -6.55 16.14 -19.82
C ARG A 126 -5.11 15.78 -19.42
N TRP A 127 -4.40 15.06 -20.29
CA TRP A 127 -3.01 14.66 -20.04
C TRP A 127 -2.09 15.20 -21.11
N ALA A 128 -1.27 16.17 -20.74
CA ALA A 128 -0.37 16.85 -21.69
C ALA A 128 0.60 15.90 -22.40
N GLY A 129 0.98 14.82 -21.73
CA GLY A 129 1.99 13.95 -22.28
C GLY A 129 1.53 12.98 -23.35
N VAL A 130 0.23 12.90 -23.60
CA VAL A 130 -0.30 12.07 -24.67
C VAL A 130 -0.89 12.90 -25.81
N GLU A 131 -0.64 12.46 -27.04
CA GLU A 131 -1.17 13.12 -28.22
C GLU A 131 -1.67 12.05 -29.19
N VAL A 132 -2.91 12.21 -29.64
CA VAL A 132 -3.45 11.32 -30.62
C VAL A 132 -4.01 12.14 -31.77
N PRO A 133 -4.16 11.50 -32.93
CA PRO A 133 -4.87 12.13 -34.06
C PRO A 133 -6.32 12.52 -33.71
N ASP A 134 -6.85 13.53 -34.38
CA ASP A 134 -8.22 13.97 -34.17
C ASP A 134 -9.27 12.86 -34.29
N ASN A 135 -9.05 11.88 -35.14
CA ASN A 135 -10.00 10.77 -35.33
C ASN A 135 -9.87 9.62 -34.32
N TYR A 136 -9.09 9.81 -33.26
CA TYR A 136 -9.03 8.84 -32.17
C TYR A 136 -10.09 9.11 -31.12
N GLU A 137 -10.53 8.05 -30.46
CA GLU A 137 -11.45 8.11 -29.34
C GLU A 137 -10.87 7.26 -28.20
N ALA A 138 -11.31 7.58 -26.99
CA ALA A 138 -10.75 6.99 -25.79
C ALA A 138 -11.79 6.79 -24.72
N ILE A 139 -11.54 5.78 -23.88
CA ILE A 139 -12.33 5.58 -22.68
C ILE A 139 -11.35 5.47 -21.49
N PHE A 140 -11.64 6.19 -20.42
CA PHE A 140 -10.83 6.15 -19.20
C PHE A 140 -11.65 5.51 -18.09
N GLU A 141 -11.05 4.53 -17.42
CA GLU A 141 -11.66 3.83 -16.29
C GLU A 141 -10.94 4.33 -15.04
N PRO A 142 -11.47 5.29 -14.30
CA PRO A 142 -10.71 5.90 -13.18
C PRO A 142 -10.46 4.94 -11.99
N ASN A 143 -11.30 3.92 -11.81
CA ASN A 143 -11.19 3.03 -10.63
C ASN A 143 -10.22 1.85 -10.77
N SER A 144 -9.71 1.65 -11.98
CA SER A 144 -8.75 0.60 -12.16
C SER A 144 -7.32 1.16 -11.96
N GLY A 145 -6.30 0.35 -12.21
CA GLY A 145 -4.96 0.76 -11.88
C GLY A 145 -3.89 -0.30 -12.05
N VAL A 146 -2.92 -0.26 -11.15
CA VAL A 146 -1.65 -0.94 -11.32
C VAL A 146 -1.38 -1.78 -10.08
N LEU A 147 -1.00 -3.03 -10.31
CA LEU A 147 -0.56 -3.96 -9.29
C LEU A 147 0.95 -4.05 -9.34
N PHE A 148 1.56 -4.12 -8.17
CA PHE A 148 2.99 -4.33 -8.07
C PHE A 148 3.18 -5.85 -7.95
N SER A 149 3.38 -6.48 -9.11
CA SER A 149 3.25 -7.94 -9.23
C SER A 149 4.23 -8.74 -8.40
N GLU A 150 5.46 -8.28 -8.32
CA GLU A 150 6.45 -8.98 -7.53
C GLU A 150 6.12 -8.87 -6.04
N ASN A 151 5.64 -7.70 -5.63
CA ASN A 151 5.16 -7.51 -4.27
C ASN A 151 3.98 -8.40 -3.93
N CYS A 152 3.08 -8.61 -4.90
CA CYS A 152 1.93 -9.46 -4.69
C CYS A 152 2.40 -10.88 -4.33
N ILE A 153 3.29 -11.40 -5.14
CA ILE A 153 3.76 -12.76 -4.93
C ILE A 153 4.54 -12.87 -3.64
N GLN A 154 5.39 -11.89 -3.34
CA GLN A 154 6.18 -11.91 -2.12
C GLN A 154 5.26 -11.89 -0.89
N ALA A 155 4.22 -11.07 -0.94
CA ALA A 155 3.27 -10.96 0.15
C ALA A 155 2.51 -12.29 0.36
N TYR A 156 1.99 -12.84 -0.72
CA TYR A 156 1.33 -14.14 -0.65
C TYR A 156 2.25 -15.21 -0.05
N ARG A 157 3.52 -15.22 -0.45
CA ARG A 157 4.49 -16.17 0.05
C ARG A 157 4.73 -15.99 1.54
N GLU A 158 4.99 -14.77 1.98
CA GLU A 158 5.26 -14.48 3.38
C GLU A 158 4.08 -14.85 4.26
N LEU A 159 2.87 -14.53 3.79
CA LEU A 159 1.67 -14.82 4.54
C LEU A 159 1.38 -16.32 4.54
N ALA A 160 1.60 -16.97 3.40
CA ALA A 160 1.36 -18.41 3.30
C ALA A 160 2.32 -19.17 4.21
N GLU A 161 3.59 -18.79 4.23
CA GLU A 161 4.55 -19.47 5.09
C GLU A 161 4.24 -19.26 6.57
N ALA A 162 3.82 -18.05 6.93
CA ALA A 162 3.47 -17.77 8.32
C ALA A 162 2.25 -18.63 8.75
N HIS A 163 1.36 -18.92 7.81
CA HIS A 163 0.21 -19.79 8.05
C HIS A 163 0.57 -21.28 8.08
N GLY A 164 1.78 -21.64 7.70
CA GLY A 164 2.21 -23.02 7.77
C GLY A 164 2.64 -23.67 6.46
N ALA A 165 2.49 -22.95 5.35
CA ALA A 165 2.96 -23.44 4.05
C ALA A 165 4.48 -23.65 3.99
N THR A 166 4.87 -24.72 3.30
CA THR A 166 6.26 -25.04 3.07
C THR A 166 6.58 -24.67 1.65
N VAL A 167 7.69 -23.98 1.44
CA VAL A 167 8.08 -23.54 0.10
C VAL A 167 9.44 -24.14 -0.22
N LEU A 168 9.51 -24.82 -1.35
CA LEU A 168 10.72 -25.46 -1.80
C LEU A 168 11.17 -24.74 -3.06
N THR A 169 12.31 -24.04 -2.99
CA THR A 169 12.86 -23.28 -4.11
C THR A 169 13.98 -24.05 -4.82
N TYR A 170 14.28 -23.60 -6.04
CA TYR A 170 15.35 -24.19 -6.87
C TYR A 170 15.18 -25.70 -6.99
N THR A 171 13.92 -26.11 -7.15
CA THR A 171 13.52 -27.52 -7.15
C THR A 171 12.51 -27.77 -8.28
N PRO A 172 12.98 -27.88 -9.52
CA PRO A 172 12.07 -28.19 -10.63
C PRO A 172 11.48 -29.59 -10.46
N VAL A 173 10.18 -29.69 -10.67
CA VAL A 173 9.51 -30.98 -10.75
C VAL A 173 9.81 -31.55 -12.14
N GLU A 174 10.26 -32.80 -12.16
CA GLU A 174 10.64 -33.51 -13.37
C GLU A 174 9.53 -34.44 -13.90
N ASP A 175 8.68 -34.93 -13.00
CA ASP A 175 7.58 -35.82 -13.41
C ASP A 175 6.46 -35.84 -12.38
N PHE A 176 5.29 -36.29 -12.82
CA PHE A 176 4.15 -36.51 -11.95
C PHE A 176 3.70 -37.97 -12.07
N GLU A 177 3.31 -38.56 -10.94
CA GLU A 177 2.56 -39.82 -10.93
C GLU A 177 1.32 -39.59 -10.11
N VAL A 178 0.16 -39.71 -10.72
CA VAL A 178 -1.07 -39.37 -10.06
C VAL A 178 -2.05 -40.54 -10.09
N THR A 179 -2.73 -40.72 -8.96
CA THR A 179 -3.98 -41.47 -8.90
C THR A 179 -4.99 -40.58 -8.19
N GLU A 180 -6.24 -41.03 -8.10
CA GLU A 180 -7.30 -40.30 -7.39
C GLU A 180 -7.12 -40.28 -5.86
N ASP A 181 -6.27 -41.13 -5.33
CA ASP A 181 -5.99 -41.18 -3.90
C ASP A 181 -4.68 -40.52 -3.47
N LEU A 182 -3.72 -40.44 -4.39
CA LEU A 182 -2.37 -40.01 -4.09
C LEU A 182 -1.67 -39.37 -5.29
N VAL A 183 -1.12 -38.18 -5.04
CA VAL A 183 -0.32 -37.43 -5.99
C VAL A 183 1.14 -37.53 -5.58
N THR A 184 2.01 -37.88 -6.51
CA THR A 184 3.46 -37.93 -6.26
C THR A 184 4.14 -37.03 -7.25
N ILE A 185 5.04 -36.18 -6.79
CA ILE A 185 5.91 -35.42 -7.67
C ILE A 185 7.33 -35.93 -7.51
N LYS A 186 8.05 -35.99 -8.62
CA LYS A 186 9.44 -36.42 -8.63
C LYS A 186 10.32 -35.22 -8.90
N THR A 187 11.31 -35.01 -8.05
CA THR A 187 12.34 -34.01 -8.28
C THR A 187 13.72 -34.67 -8.22
N ALA A 188 14.76 -33.87 -8.51
CA ALA A 188 16.16 -34.33 -8.46
C ALA A 188 16.58 -34.79 -7.07
N LYS A 189 16.25 -34.00 -6.05
CA LYS A 189 16.55 -34.34 -4.66
C LYS A 189 15.37 -35.00 -3.93
N GLY A 190 14.56 -35.80 -4.64
CA GLY A 190 13.56 -36.65 -4.00
C GLY A 190 12.09 -36.40 -4.38
N SER A 191 11.22 -37.22 -3.79
CA SER A 191 9.81 -37.23 -4.11
C SER A 191 8.95 -36.75 -2.93
N TYR A 192 7.79 -36.17 -3.25
CA TYR A 192 6.83 -35.70 -2.25
C TYR A 192 5.43 -36.12 -2.67
N THR A 193 4.55 -36.38 -1.71
CA THR A 193 3.20 -36.76 -2.04
C THR A 193 2.19 -35.86 -1.39
N ALA A 194 0.98 -35.92 -1.92
CA ALA A 194 -0.15 -35.17 -1.41
C ALA A 194 -1.46 -35.83 -1.78
N ASN A 195 -2.55 -35.31 -1.20
CA ASN A 195 -3.89 -35.72 -1.61
C ASN A 195 -4.30 -35.11 -2.94
N LYS A 196 -3.88 -33.86 -3.17
CA LYS A 196 -4.36 -33.03 -4.28
C LYS A 196 -3.18 -32.32 -4.90
N LEU A 197 -3.33 -31.94 -6.17
CA LEU A 197 -2.27 -31.26 -6.89
C LEU A 197 -2.85 -30.03 -7.60
N VAL A 198 -2.11 -28.93 -7.52
CA VAL A 198 -2.38 -27.75 -8.32
C VAL A 198 -1.17 -27.57 -9.24
N VAL A 199 -1.42 -27.49 -10.55
CA VAL A 199 -0.37 -27.33 -11.55
C VAL A 199 -0.50 -25.95 -12.19
N SER A 200 0.55 -25.15 -12.03
CA SER A 200 0.54 -23.76 -12.44
C SER A 200 1.99 -23.35 -12.77
N MET A 201 2.52 -23.95 -13.84
CA MET A 201 3.92 -23.83 -14.23
C MET A 201 4.20 -22.74 -15.27
N GLY A 202 3.22 -21.87 -15.51
CA GLY A 202 3.38 -20.78 -16.46
C GLY A 202 3.79 -21.26 -17.86
N ALA A 203 4.84 -20.67 -18.44
CA ALA A 203 5.31 -21.05 -19.76
C ALA A 203 5.71 -22.51 -19.83
N TRP A 204 6.11 -23.09 -18.70
CA TRP A 204 6.53 -24.49 -18.68
C TRP A 204 5.36 -25.47 -18.71
N ASN A 205 4.13 -24.99 -18.54
CA ASN A 205 2.96 -25.83 -18.76
C ASN A 205 3.00 -26.37 -20.19
N SER A 206 3.54 -25.58 -21.12
CA SER A 206 3.62 -25.99 -22.54
C SER A 206 4.54 -27.20 -22.79
N LYS A 207 5.45 -27.47 -21.87
CA LYS A 207 6.38 -28.58 -22.00
C LYS A 207 6.04 -29.76 -21.09
N LEU A 208 5.47 -29.49 -19.93
CA LEU A 208 5.38 -30.49 -18.87
C LEU A 208 3.96 -31.02 -18.57
N LEU A 209 2.93 -30.39 -19.13
CA LEU A 209 1.57 -30.91 -18.94
C LEU A 209 1.38 -32.32 -19.57
N SER A 210 2.17 -32.61 -20.60
CA SER A 210 2.24 -33.95 -21.20
C SER A 210 2.57 -35.05 -20.17
N LYS A 211 3.30 -34.70 -19.10
CA LYS A 211 3.57 -35.65 -18.01
C LYS A 211 2.33 -36.08 -17.22
N LEU A 212 1.26 -35.29 -17.30
CA LEU A 212 -0.05 -35.63 -16.76
C LEU A 212 -1.02 -36.10 -17.85
N ASP A 213 -0.49 -36.34 -19.05
CA ASP A 213 -1.28 -36.75 -20.22
C ASP A 213 -2.39 -35.74 -20.58
N VAL A 214 -2.09 -34.46 -20.43
CA VAL A 214 -2.95 -33.39 -20.89
C VAL A 214 -2.26 -32.77 -22.08
N GLU A 215 -2.92 -32.78 -23.23
CA GLU A 215 -2.35 -32.24 -24.46
C GLU A 215 -3.25 -31.11 -24.95
N ILE A 216 -2.81 -29.87 -24.74
CA ILE A 216 -3.52 -28.69 -25.19
C ILE A 216 -2.55 -27.71 -25.88
N PRO A 217 -3.08 -26.92 -26.80
CA PRO A 217 -2.26 -25.95 -27.54
C PRO A 217 -1.89 -24.79 -26.64
N LEU A 218 -0.61 -24.74 -26.27
CA LEU A 218 -0.03 -23.64 -25.50
C LEU A 218 1.27 -23.19 -26.16
N GLN A 219 1.41 -21.89 -26.42
CA GLN A 219 2.60 -21.39 -27.10
C GLN A 219 3.21 -20.25 -26.29
N PRO A 220 4.40 -20.46 -25.73
CA PRO A 220 5.14 -19.36 -25.09
C PRO A 220 5.68 -18.32 -26.09
N TYR A 221 5.66 -17.06 -25.66
CA TYR A 221 6.14 -15.94 -26.48
C TYR A 221 7.04 -15.07 -25.63
N ARG A 222 8.10 -14.57 -26.22
CA ARG A 222 9.04 -13.69 -25.55
C ARG A 222 8.53 -12.26 -25.74
N GLN A 223 8.24 -11.61 -24.63
CA GLN A 223 7.60 -10.30 -24.59
C GLN A 223 8.47 -9.36 -23.75
N VAL A 224 8.95 -8.28 -24.36
CA VAL A 224 9.84 -7.36 -23.67
C VAL A 224 9.08 -6.12 -23.23
N VAL A 225 9.61 -5.46 -22.19
CA VAL A 225 9.18 -4.15 -21.79
C VAL A 225 10.41 -3.26 -21.61
N GLY A 226 10.25 -1.98 -21.89
CA GLY A 226 11.30 -1.00 -21.64
C GLY A 226 10.84 0.11 -20.72
N PHE A 227 11.78 0.63 -19.94
CA PHE A 227 11.57 1.77 -19.05
C PHE A 227 12.34 2.95 -19.61
N PHE A 228 11.66 4.06 -19.85
CA PHE A 228 12.26 5.23 -20.51
C PHE A 228 12.26 6.46 -19.61
N GLU A 229 13.37 7.20 -19.64
CA GLU A 229 13.48 8.44 -18.91
C GLU A 229 12.51 9.41 -19.53
N CYS A 230 11.81 10.16 -18.70
CA CYS A 230 10.69 10.97 -19.17
C CYS A 230 10.50 12.20 -18.29
N ASP A 231 9.79 13.16 -18.82
CA ASP A 231 9.42 14.37 -18.10
C ASP A 231 8.45 14.00 -16.97
N GLU A 232 8.93 13.95 -15.74
CA GLU A 232 8.10 13.53 -14.61
C GLU A 232 6.88 14.44 -14.39
N ALA A 233 6.95 15.69 -14.82
CA ALA A 233 5.83 16.62 -14.67
C ALA A 233 4.65 16.22 -15.52
N LYS A 234 4.90 15.47 -16.59
CA LYS A 234 3.84 14.97 -17.43
C LYS A 234 3.54 13.46 -17.20
N TYR A 235 4.55 12.64 -16.91
CA TYR A 235 4.42 11.17 -16.94
C TYR A 235 4.50 10.43 -15.60
N SER A 236 4.72 11.14 -14.51
CA SER A 236 4.73 10.54 -13.16
C SER A 236 3.34 10.15 -12.72
N ASN A 237 3.24 9.12 -11.90
CA ASN A 237 2.00 8.82 -11.17
C ASN A 237 1.60 10.00 -10.30
N ASN A 238 2.57 10.74 -9.79
CA ASN A 238 2.29 11.93 -8.96
C ASN A 238 1.57 13.02 -9.75
N ALA A 239 1.82 13.05 -11.06
CA ALA A 239 1.11 13.96 -11.97
C ALA A 239 -0.19 13.35 -12.54
N HIS A 240 -0.54 12.17 -12.06
CA HIS A 240 -1.80 11.49 -12.41
C HIS A 240 -1.84 11.02 -13.85
N TYR A 241 -0.67 10.72 -14.40
CA TYR A 241 -0.61 10.11 -15.74
C TYR A 241 -1.16 8.69 -15.58
N PRO A 242 -2.04 8.26 -16.48
CA PRO A 242 -2.69 6.96 -16.32
C PRO A 242 -1.85 5.80 -16.85
N ALA A 243 -2.17 4.59 -16.41
CA ALA A 243 -1.72 3.40 -17.11
C ALA A 243 -2.55 3.33 -18.40
N PHE A 244 -2.09 2.59 -19.39
CA PHE A 244 -2.75 2.61 -20.68
C PHE A 244 -2.63 1.32 -21.44
N MET A 245 -3.64 1.04 -22.25
CA MET A 245 -3.62 -0.10 -23.15
C MET A 245 -4.38 0.36 -24.39
N VAL A 246 -3.67 0.45 -25.51
CA VAL A 246 -4.18 1.20 -26.66
C VAL A 246 -3.98 0.42 -27.94
N GLU A 247 -4.83 0.67 -28.93
CA GLU A 247 -4.66 0.09 -30.25
C GLU A 247 -4.29 1.18 -31.24
N VAL A 248 -3.16 1.00 -31.90
CA VAL A 248 -2.72 1.94 -32.93
C VAL A 248 -2.56 1.18 -34.25
N GLU A 249 -1.89 1.79 -35.23
CA GLU A 249 -1.84 1.25 -36.60
C GLU A 249 -1.25 -0.15 -36.67
N ASN A 250 -0.19 -0.39 -35.88
CA ASN A 250 0.51 -1.68 -35.85
C ASN A 250 0.14 -2.58 -34.66
N GLY A 251 -0.97 -2.28 -34.00
CA GLY A 251 -1.50 -3.15 -32.97
C GLY A 251 -1.50 -2.52 -31.58
N ILE A 252 -1.38 -3.36 -30.56
CA ILE A 252 -1.66 -2.97 -29.19
C ILE A 252 -0.40 -2.73 -28.39
N TYR A 253 -0.37 -1.59 -27.71
CA TYR A 253 0.70 -1.27 -26.77
C TYR A 253 0.09 -1.06 -25.38
N TYR A 254 0.88 -1.25 -24.34
CA TYR A 254 0.41 -0.99 -22.98
C TYR A 254 1.54 -0.32 -22.20
N GLY A 255 1.19 0.43 -21.16
CA GLY A 255 2.21 1.04 -20.35
C GLY A 255 1.74 1.68 -19.09
N PHE A 256 2.72 2.27 -18.38
CA PHE A 256 2.56 2.69 -17.00
C PHE A 256 3.19 4.06 -16.77
N PRO A 257 2.61 4.84 -15.88
CA PRO A 257 3.26 6.08 -15.48
C PRO A 257 4.54 5.72 -14.71
N SER A 258 5.46 6.67 -14.61
CA SER A 258 6.66 6.49 -13.82
C SER A 258 6.33 6.52 -12.31
N PHE A 259 6.94 5.60 -11.58
CA PHE A 259 6.81 5.50 -10.13
C PHE A 259 8.19 5.65 -9.53
N GLY A 260 8.35 6.62 -8.63
CA GLY A 260 9.65 6.89 -8.01
C GLY A 260 10.80 7.04 -8.98
N GLY A 261 10.56 7.64 -10.14
CA GLY A 261 11.64 7.83 -11.11
C GLY A 261 12.09 6.56 -11.83
N SER A 262 11.23 5.54 -11.85
CA SER A 262 11.47 4.32 -12.62
C SER A 262 11.55 4.62 -14.11
N GLY A 263 10.88 5.68 -14.55
CA GLY A 263 10.66 5.96 -15.96
C GLY A 263 9.35 5.33 -16.41
N LEU A 264 8.89 5.76 -17.58
CA LEU A 264 7.67 5.23 -18.19
C LEU A 264 7.95 3.85 -18.75
N LYS A 265 7.13 2.86 -18.37
CA LYS A 265 7.29 1.49 -18.81
C LYS A 265 6.29 1.22 -19.94
N ILE A 266 6.76 0.62 -21.02
CA ILE A 266 5.91 0.33 -22.17
C ILE A 266 6.26 -1.03 -22.78
N GLY A 267 5.22 -1.75 -23.22
CA GLY A 267 5.38 -2.98 -23.97
C GLY A 267 4.52 -3.00 -25.22
N TYR A 268 4.95 -3.80 -26.19
CA TYR A 268 4.21 -4.03 -27.42
C TYR A 268 3.59 -5.44 -27.29
N HIS A 269 2.28 -5.47 -27.29
CA HIS A 269 1.50 -6.69 -27.02
C HIS A 269 1.34 -7.57 -28.27
N SER A 270 1.34 -6.95 -29.45
CA SER A 270 0.92 -7.62 -30.69
C SER A 270 2.01 -8.35 -31.46
N TYR A 271 3.19 -8.43 -30.87
CA TYR A 271 4.25 -9.22 -31.44
C TYR A 271 5.13 -9.70 -30.31
N GLY A 272 5.68 -10.90 -30.49
CA GLY A 272 6.74 -11.44 -29.66
C GLY A 272 7.34 -12.66 -30.34
N GLN A 273 8.48 -13.13 -29.88
CA GLN A 273 9.12 -14.30 -30.53
C GLN A 273 8.59 -15.58 -29.93
N GLN A 274 8.22 -16.55 -30.78
CA GLN A 274 7.81 -17.88 -30.28
C GLN A 274 9.04 -18.56 -29.73
N ILE A 275 8.98 -19.00 -28.48
CA ILE A 275 10.14 -19.54 -27.78
C ILE A 275 9.86 -20.80 -26.99
N ASP A 276 10.93 -21.43 -26.57
CA ASP A 276 10.94 -22.50 -25.55
C ASP A 276 11.46 -21.84 -24.26
N PRO A 277 10.76 -21.98 -23.14
CA PRO A 277 11.18 -21.31 -21.90
C PRO A 277 12.53 -21.72 -21.29
N ASP A 278 13.07 -22.87 -21.71
CA ASP A 278 14.38 -23.30 -21.26
C ASP A 278 15.55 -22.71 -22.05
N THR A 279 15.28 -22.17 -23.24
CA THR A 279 16.30 -21.60 -24.12
C THR A 279 16.06 -20.13 -24.52
N ILE A 280 15.04 -19.48 -23.96
CA ILE A 280 14.72 -18.08 -24.26
C ILE A 280 15.90 -17.15 -23.92
N ASN A 281 16.15 -16.20 -24.80
CA ASN A 281 17.16 -15.19 -24.52
C ASN A 281 16.57 -14.07 -23.67
N ARG A 282 17.00 -13.97 -22.42
CA ARG A 282 16.43 -13.01 -21.47
C ARG A 282 17.16 -11.67 -21.41
N GLU A 283 17.96 -11.36 -22.44
CA GLU A 283 18.61 -10.05 -22.51
C GLU A 283 17.80 -9.13 -23.41
N PHE A 284 17.34 -8.02 -22.84
CA PHE A 284 16.72 -6.97 -23.62
C PHE A 284 17.75 -6.38 -24.59
N GLY A 285 17.38 -6.29 -25.86
CA GLY A 285 18.25 -5.79 -26.90
C GLY A 285 18.88 -6.89 -27.74
N ALA A 286 18.72 -8.15 -27.31
CA ALA A 286 19.22 -9.29 -28.08
C ALA A 286 18.60 -9.31 -29.48
N TYR A 287 17.35 -8.86 -29.60
CA TYR A 287 16.74 -8.63 -30.90
C TYR A 287 16.54 -7.12 -31.12
N PRO A 288 16.66 -6.67 -32.36
CA PRO A 288 16.50 -5.24 -32.69
C PRO A 288 15.06 -4.71 -32.55
N GLU A 289 14.10 -5.62 -32.59
CA GLU A 289 12.69 -5.30 -32.38
C GLU A 289 12.40 -4.76 -30.97
N ASP A 290 13.20 -5.21 -30.00
CA ASP A 290 12.96 -4.98 -28.58
C ASP A 290 12.78 -3.48 -28.29
N GLU A 291 13.79 -2.69 -28.66
CA GLU A 291 13.75 -1.24 -28.46
C GLU A 291 12.99 -0.54 -29.56
N ALA A 292 13.16 -1.00 -30.79
CA ALA A 292 12.61 -0.28 -31.94
C ALA A 292 11.10 -0.16 -31.91
N ASN A 293 10.41 -1.24 -31.55
CA ASN A 293 8.95 -1.22 -31.57
C ASN A 293 8.41 -0.26 -30.52
N LEU A 294 9.13 -0.11 -29.40
CA LEU A 294 8.69 0.79 -28.32
C LEU A 294 8.88 2.25 -28.70
N ARG A 295 10.03 2.57 -29.28
CA ARG A 295 10.29 3.94 -29.67
C ARG A 295 9.37 4.43 -30.80
N LYS A 296 9.01 3.54 -31.72
CA LYS A 296 8.08 3.93 -32.79
C LYS A 296 6.76 4.43 -32.20
N PHE A 297 6.31 3.82 -31.10
CA PHE A 297 5.09 4.30 -30.45
C PHE A 297 5.32 5.60 -29.70
N LEU A 298 6.37 5.63 -28.89
CA LEU A 298 6.62 6.82 -28.04
C LEU A 298 6.83 8.09 -28.86
N GLU A 299 7.62 8.03 -29.92
CA GLU A 299 7.88 9.25 -30.68
C GLU A 299 6.61 9.85 -31.30
N GLN A 300 5.60 9.03 -31.55
CA GLN A 300 4.34 9.50 -32.12
C GLN A 300 3.31 9.92 -31.08
N TYR A 301 3.09 9.09 -30.05
CA TYR A 301 1.99 9.28 -29.09
C TYR A 301 2.38 9.88 -27.75
N MET A 302 3.61 9.63 -27.32
CA MET A 302 4.08 10.09 -26.02
C MET A 302 5.51 10.63 -26.17
N PRO A 303 5.67 11.68 -26.99
CA PRO A 303 6.99 12.09 -27.47
C PRO A 303 7.93 12.54 -26.36
N GLY A 304 7.40 13.10 -25.28
CA GLY A 304 8.20 13.50 -24.13
C GLY A 304 8.69 12.33 -23.28
N ALA A 305 8.30 11.11 -23.64
CA ALA A 305 8.74 9.92 -22.92
C ALA A 305 9.72 9.08 -23.73
N ASN A 306 10.12 9.58 -24.90
CA ASN A 306 11.02 8.88 -25.79
C ASN A 306 12.47 9.20 -25.46
N GLY A 307 12.81 9.08 -24.18
CA GLY A 307 14.12 9.40 -23.67
C GLY A 307 15.07 8.20 -23.58
N GLU A 308 16.00 8.29 -22.66
CA GLU A 308 17.01 7.27 -22.43
C GLU A 308 16.32 5.95 -22.06
N LEU A 309 16.71 4.84 -22.70
CA LEU A 309 16.31 3.52 -22.23
C LEU A 309 17.07 3.19 -20.95
N LYS A 310 16.39 3.29 -19.82
CA LYS A 310 17.01 3.10 -18.51
C LYS A 310 17.26 1.64 -18.17
N LYS A 311 16.30 0.81 -18.58
CA LYS A 311 16.40 -0.62 -18.47
C LYS A 311 15.27 -1.31 -19.22
N GLY A 312 15.47 -2.61 -19.41
CA GLY A 312 14.49 -3.46 -20.08
C GLY A 312 14.30 -4.76 -19.34
N ALA A 313 13.20 -5.46 -19.63
CA ALA A 313 12.95 -6.78 -19.06
C ALA A 313 12.40 -7.70 -20.15
N VAL A 314 12.65 -8.99 -19.98
CA VAL A 314 12.18 -10.02 -20.91
C VAL A 314 11.32 -10.99 -20.11
N CYS A 315 10.11 -11.18 -20.58
CA CYS A 315 9.06 -11.84 -19.86
C CYS A 315 8.40 -12.82 -20.85
N MET A 316 7.49 -13.69 -20.41
CA MET A 316 6.81 -14.60 -21.34
C MET A 316 5.30 -14.54 -21.23
N TYR A 317 4.61 -14.55 -22.36
CA TYR A 317 3.20 -14.91 -22.38
C TYR A 317 3.11 -16.40 -22.71
N THR A 318 2.01 -17.04 -22.31
CA THR A 318 1.69 -18.39 -22.76
C THR A 318 0.28 -18.35 -23.34
N LYS A 319 0.18 -18.44 -24.67
CA LYS A 319 -1.08 -18.25 -25.35
C LYS A 319 -1.79 -19.56 -25.72
N THR A 320 -3.10 -19.53 -25.57
CA THR A 320 -4.00 -20.51 -26.16
C THR A 320 -4.52 -19.92 -27.47
N PRO A 321 -5.06 -20.75 -28.34
CA PRO A 321 -5.59 -20.25 -29.62
C PRO A 321 -6.71 -19.20 -29.51
N ASP A 322 -7.55 -19.27 -28.48
CA ASP A 322 -8.63 -18.31 -28.31
C ASP A 322 -8.28 -17.21 -27.31
N GLU A 323 -7.08 -17.31 -26.73
CA GLU A 323 -6.54 -16.36 -25.72
C GLU A 323 -7.39 -16.31 -24.44
N HIS A 324 -8.18 -17.35 -24.20
CA HIS A 324 -8.88 -17.54 -22.94
C HIS A 324 -8.06 -18.48 -22.09
N PHE A 325 -8.21 -18.33 -20.79
CA PHE A 325 -7.45 -19.08 -19.84
C PHE A 325 -7.88 -20.55 -19.85
N VAL A 326 -7.07 -21.37 -19.18
CA VAL A 326 -7.43 -22.74 -18.86
C VAL A 326 -7.38 -22.87 -17.32
N ILE A 327 -8.55 -23.07 -16.73
CA ILE A 327 -8.68 -23.29 -15.31
C ILE A 327 -9.71 -24.39 -15.15
N ASP A 328 -9.27 -25.55 -14.70
CA ASP A 328 -10.14 -26.72 -14.66
C ASP A 328 -9.51 -27.84 -13.87
N LEU A 329 -10.31 -28.84 -13.55
CA LEU A 329 -9.81 -30.11 -13.07
C LEU A 329 -9.36 -30.97 -14.23
N HIS A 330 -8.43 -31.86 -13.95
CA HIS A 330 -7.96 -32.84 -14.90
C HIS A 330 -9.15 -33.79 -15.22
N PRO A 331 -9.41 -34.09 -16.49
CA PRO A 331 -10.60 -34.90 -16.83
C PRO A 331 -10.64 -36.31 -16.22
N LYS A 332 -9.49 -36.93 -15.96
CA LYS A 332 -9.37 -38.24 -15.28
C LYS A 332 -9.20 -38.17 -13.77
N TYR A 333 -8.57 -37.12 -13.25
CA TYR A 333 -8.18 -37.06 -11.84
C TYR A 333 -8.80 -35.81 -11.22
N SER A 334 -9.88 -36.02 -10.47
CA SER A 334 -10.63 -34.94 -9.84
C SER A 334 -9.83 -34.20 -8.75
N ASN A 335 -8.71 -34.80 -8.32
CA ASN A 335 -7.82 -34.20 -7.33
C ASN A 335 -6.66 -33.40 -7.91
N VAL A 336 -6.70 -33.12 -9.22
CA VAL A 336 -5.69 -32.32 -9.90
C VAL A 336 -6.36 -31.11 -10.57
N ALA A 337 -5.92 -29.91 -10.20
CA ALA A 337 -6.42 -28.65 -10.75
C ALA A 337 -5.29 -28.02 -11.56
N ILE A 338 -5.65 -27.45 -12.70
CA ILE A 338 -4.69 -26.90 -13.67
C ILE A 338 -5.06 -25.44 -13.99
N ALA A 339 -4.05 -24.57 -13.96
CA ALA A 339 -4.16 -23.17 -14.37
C ALA A 339 -3.09 -22.89 -15.41
N ALA A 340 -3.50 -22.58 -16.63
CA ALA A 340 -2.58 -22.42 -17.75
C ALA A 340 -3.12 -21.46 -18.79
N GLY A 341 -2.23 -21.03 -19.67
CA GLY A 341 -2.66 -20.32 -20.86
C GLY A 341 -3.22 -18.92 -20.66
N PHE A 342 -2.58 -18.15 -19.78
CA PHE A 342 -3.11 -16.85 -19.42
C PHE A 342 -2.93 -15.76 -20.48
N SER A 343 -2.26 -16.10 -21.57
CA SER A 343 -2.32 -15.35 -22.83
C SER A 343 -1.98 -13.88 -22.71
N GLY A 344 -1.09 -13.57 -21.77
CA GLY A 344 -0.60 -12.23 -21.54
C GLY A 344 -1.56 -11.29 -20.84
N HIS A 345 -2.63 -11.81 -20.23
CA HIS A 345 -3.57 -10.95 -19.50
C HIS A 345 -4.10 -11.55 -18.19
N GLY A 346 -3.30 -12.43 -17.59
CA GLY A 346 -3.73 -13.17 -16.41
C GLY A 346 -3.36 -12.59 -15.06
N PHE A 347 -2.39 -11.67 -14.99
CA PHE A 347 -1.95 -11.28 -13.64
C PHE A 347 -3.03 -10.63 -12.80
N LYS A 348 -3.81 -9.73 -13.41
CA LYS A 348 -4.85 -9.02 -12.70
C LYS A 348 -5.85 -9.96 -12.01
N PHE A 349 -5.99 -11.17 -12.56
CA PHE A 349 -6.88 -12.18 -12.00
C PHE A 349 -6.21 -13.15 -11.07
N SER A 350 -4.91 -13.01 -10.81
CA SER A 350 -4.18 -14.06 -10.11
C SER A 350 -4.72 -14.27 -8.70
N SER A 351 -5.23 -13.23 -8.07
CA SER A 351 -5.87 -13.36 -6.76
C SER A 351 -7.10 -14.31 -6.82
N VAL A 352 -8.04 -14.01 -7.72
CA VAL A 352 -9.26 -14.83 -7.84
C VAL A 352 -8.94 -16.23 -8.44
N VAL A 353 -7.96 -16.33 -9.31
CA VAL A 353 -7.54 -17.64 -9.80
C VAL A 353 -6.99 -18.48 -8.63
N GLY A 354 -6.21 -17.86 -7.77
CA GLY A 354 -5.72 -18.51 -6.57
C GLY A 354 -6.87 -19.03 -5.71
N GLU A 355 -7.87 -18.18 -5.52
CA GLU A 355 -9.04 -18.54 -4.71
C GLU A 355 -9.79 -19.71 -5.35
N THR A 356 -9.98 -19.61 -6.66
CA THR A 356 -10.62 -20.65 -7.46
C THR A 356 -9.88 -22.00 -7.36
N LEU A 357 -8.55 -21.98 -7.51
CA LEU A 357 -7.72 -23.18 -7.41
C LEU A 357 -7.83 -23.80 -6.04
N ALA A 358 -7.87 -22.97 -4.99
CA ALA A 358 -7.98 -23.48 -3.63
C ALA A 358 -9.35 -24.16 -3.46
N GLN A 359 -10.40 -23.58 -4.02
CA GLN A 359 -11.75 -24.19 -3.95
C GLN A 359 -11.81 -25.51 -4.71
N LEU A 360 -11.30 -25.50 -5.94
CA LEU A 360 -11.18 -26.71 -6.75
C LEU A 360 -10.37 -27.83 -6.07
N ALA A 361 -9.25 -27.50 -5.43
CA ALA A 361 -8.39 -28.54 -4.83
C ALA A 361 -9.05 -29.13 -3.59
N THR A 362 -9.84 -28.28 -2.94
CA THR A 362 -10.33 -28.50 -1.60
C THR A 362 -11.77 -29.12 -1.65
N THR A 363 -12.58 -28.70 -2.60
CA THR A 363 -13.99 -29.15 -2.73
C THR A 363 -14.33 -29.85 -4.06
N GLY A 364 -13.48 -29.74 -5.08
CA GLY A 364 -13.79 -30.21 -6.42
C GLY A 364 -14.71 -29.32 -7.25
N LYS A 365 -15.07 -28.15 -6.73
CA LYS A 365 -15.86 -27.16 -7.46
C LYS A 365 -15.50 -25.75 -7.01
N THR A 366 -16.12 -24.77 -7.66
CA THR A 366 -15.89 -23.36 -7.34
C THR A 366 -17.17 -22.57 -7.51
N GLU A 367 -17.31 -21.53 -6.69
CA GLU A 367 -18.43 -20.58 -6.76
C GLU A 367 -18.31 -19.64 -7.97
N HIS A 368 -17.13 -19.57 -8.57
CA HIS A 368 -16.94 -18.66 -9.68
C HIS A 368 -17.26 -19.29 -11.02
N ASP A 369 -17.63 -18.46 -11.98
CA ASP A 369 -17.97 -18.94 -13.32
C ASP A 369 -16.68 -19.07 -14.15
N ILE A 370 -16.23 -20.31 -14.33
CA ILE A 370 -15.04 -20.61 -15.13
C ILE A 370 -15.37 -21.43 -16.37
N SER A 371 -16.62 -21.31 -16.83
CA SER A 371 -17.15 -22.11 -17.96
C SER A 371 -16.37 -21.89 -19.24
N ILE A 372 -15.90 -20.67 -19.49
CA ILE A 372 -15.14 -20.37 -20.71
C ILE A 372 -13.67 -20.72 -20.64
N PHE A 373 -13.23 -21.20 -19.47
CA PHE A 373 -11.85 -21.63 -19.26
C PHE A 373 -11.66 -23.16 -19.24
N SER A 374 -12.66 -23.91 -19.70
CA SER A 374 -12.61 -25.36 -19.54
C SER A 374 -11.63 -26.04 -20.50
N LEU A 375 -11.09 -27.17 -20.05
CA LEU A 375 -10.15 -27.96 -20.84
C LEU A 375 -10.80 -28.64 -22.02
N ASN A 376 -12.12 -28.88 -21.93
CA ASN A 376 -12.85 -29.69 -22.93
C ASN A 376 -13.39 -28.87 -24.11
N ARG A 377 -13.11 -27.56 -24.10
CA ARG A 377 -13.69 -26.65 -25.09
C ARG A 377 -13.09 -26.86 -26.48
N ASP A 378 -13.87 -26.49 -27.49
CA ASP A 378 -13.53 -26.81 -28.88
C ASP A 378 -12.21 -26.20 -29.36
N ALA A 379 -11.88 -25.02 -28.86
CA ALA A 379 -10.66 -24.31 -29.29
C ALA A 379 -9.37 -25.02 -28.87
N LEU A 380 -9.46 -25.88 -27.85
CA LEU A 380 -8.31 -26.64 -27.39
C LEU A 380 -8.19 -28.05 -27.98
N LYS A 381 -9.17 -28.47 -28.77
CA LYS A 381 -9.14 -29.78 -29.43
C LYS A 381 -8.52 -29.63 -30.81
N THR B 2 8.16 37.60 -3.34
CA THR B 2 7.59 36.40 -4.04
C THR B 2 6.40 35.90 -3.21
N HIS B 3 5.23 35.96 -3.86
CA HIS B 3 3.93 36.01 -3.20
C HIS B 3 3.09 34.74 -3.49
N PHE B 4 2.38 34.26 -2.47
CA PHE B 4 1.54 33.07 -2.57
C PHE B 4 0.16 33.34 -2.00
N ASP B 5 -0.78 32.42 -2.21
CA ASP B 5 -2.07 32.48 -1.52
C ASP B 5 -1.96 32.02 -0.07
N VAL B 6 -1.26 30.93 0.16
CA VAL B 6 -1.11 30.39 1.50
C VAL B 6 0.34 30.00 1.69
N ILE B 7 0.88 30.34 2.85
CA ILE B 7 2.17 29.84 3.31
C ILE B 7 1.90 28.91 4.48
N VAL B 8 2.54 27.75 4.46
CA VAL B 8 2.49 26.81 5.56
C VAL B 8 3.88 26.77 6.18
N VAL B 9 3.98 27.12 7.44
CA VAL B 9 5.23 27.11 8.15
C VAL B 9 5.28 25.87 9.02
N GLY B 10 6.19 24.97 8.67
CA GLY B 10 6.29 23.69 9.33
C GLY B 10 5.59 22.67 8.46
N ALA B 11 6.38 22.00 7.63
CA ALA B 11 5.85 21.05 6.65
C ALA B 11 6.07 19.61 7.09
N GLY B 12 5.64 19.33 8.31
CA GLY B 12 5.66 17.99 8.87
C GLY B 12 4.34 17.23 8.75
N SER B 13 3.94 16.54 9.83
CA SER B 13 2.75 15.71 9.82
C SER B 13 1.51 16.56 9.39
N MET B 14 1.26 17.65 10.10
CA MET B 14 0.07 18.46 9.85
C MET B 14 0.28 19.36 8.65
N GLY B 15 1.44 20.00 8.55
CA GLY B 15 1.69 20.97 7.49
C GLY B 15 1.78 20.39 6.10
N MET B 16 2.44 19.25 5.94
CA MET B 16 2.56 18.67 4.61
C MET B 16 1.19 18.18 4.15
N ALA B 17 0.42 17.63 5.07
CA ALA B 17 -0.97 17.27 4.79
C ALA B 17 -1.80 18.48 4.34
N ALA B 18 -1.71 19.58 5.09
CA ALA B 18 -2.39 20.84 4.71
C ALA B 18 -2.01 21.25 3.30
N GLY B 19 -0.72 21.17 3.01
CA GLY B 19 -0.17 21.59 1.74
C GLY B 19 -0.71 20.77 0.59
N TYR B 20 -0.85 19.47 0.81
CA TYR B 20 -1.50 18.63 -0.18
C TYR B 20 -2.98 19.01 -0.42
N TYR B 21 -3.77 19.16 0.65
CA TYR B 21 -5.20 19.50 0.48
C TYR B 21 -5.39 20.90 -0.12
N LEU B 22 -4.43 21.80 0.12
CA LEU B 22 -4.46 23.11 -0.52
C LEU B 22 -4.09 23.04 -2.00
N ALA B 23 -2.95 22.43 -2.29
CA ALA B 23 -2.45 22.38 -3.66
C ALA B 23 -3.38 21.63 -4.60
N LYS B 24 -4.03 20.59 -4.10
CA LYS B 24 -4.89 19.79 -4.97
C LYS B 24 -6.14 20.52 -5.43
N GLN B 25 -6.54 21.55 -4.69
CA GLN B 25 -7.68 22.37 -5.10
C GLN B 25 -7.24 23.67 -5.77
N GLY B 26 -5.96 23.75 -6.11
CA GLY B 26 -5.42 24.80 -6.98
C GLY B 26 -5.00 26.05 -6.24
N VAL B 27 -4.84 25.94 -4.93
CA VAL B 27 -4.39 27.07 -4.11
C VAL B 27 -2.89 27.18 -4.22
N LYS B 28 -2.38 28.38 -4.48
CA LYS B 28 -0.96 28.58 -4.66
C LYS B 28 -0.25 28.62 -3.29
N THR B 29 0.57 27.62 -3.01
CA THR B 29 1.06 27.42 -1.65
C THR B 29 2.56 27.28 -1.60
N LEU B 30 3.13 27.83 -0.55
CA LEU B 30 4.53 27.69 -0.21
C LEU B 30 4.55 26.94 1.11
N LEU B 31 5.32 25.87 1.17
CA LEU B 31 5.57 25.13 2.40
C LEU B 31 7.02 25.36 2.77
N VAL B 32 7.28 25.73 4.01
CA VAL B 32 8.61 26.04 4.47
C VAL B 32 8.94 25.18 5.69
N ASP B 33 10.10 24.55 5.68
CA ASP B 33 10.53 23.69 6.79
C ASP B 33 11.99 23.94 7.13
N SER B 34 12.28 23.82 8.42
CA SER B 34 13.63 23.98 8.97
C SER B 34 14.59 22.90 8.52
N PHE B 35 14.05 21.76 8.10
CA PHE B 35 14.80 20.61 7.66
C PHE B 35 14.25 20.14 6.33
N ASP B 36 14.34 18.84 6.04
CA ASP B 36 13.96 18.27 4.74
C ASP B 36 12.99 17.07 4.97
N PRO B 37 11.68 17.32 5.03
CA PRO B 37 10.72 16.28 5.45
C PRO B 37 10.44 15.20 4.42
N PRO B 38 10.25 13.95 4.86
CA PRO B 38 10.31 13.55 6.26
C PRO B 38 11.75 13.41 6.76
N HIS B 39 11.97 13.72 8.01
CA HIS B 39 13.31 13.76 8.58
C HIS B 39 13.20 13.25 10.00
N THR B 40 14.33 13.24 10.74
CA THR B 40 14.36 12.64 12.08
C THR B 40 14.51 13.66 13.22
N ASN B 41 14.17 14.92 12.96
CA ASN B 41 14.40 15.99 13.92
C ASN B 41 13.15 16.47 14.63
N GLY B 42 11.98 16.04 14.15
CA GLY B 42 10.71 16.40 14.77
C GLY B 42 9.95 15.26 15.42
N SER B 43 8.67 15.15 15.08
CA SER B 43 7.79 14.20 15.76
C SER B 43 7.24 13.09 14.85
N HIS B 44 7.72 12.96 13.60
CA HIS B 44 7.07 12.03 12.63
C HIS B 44 7.86 10.77 12.18
N HIS B 45 9.06 10.60 12.70
CA HIS B 45 9.90 9.50 12.27
C HIS B 45 9.77 8.29 13.20
N GLY B 46 10.54 7.25 12.95
CA GLY B 46 10.36 5.98 13.63
C GLY B 46 9.51 5.01 12.82
N ASP B 47 9.30 5.33 11.55
CA ASP B 47 8.68 4.46 10.53
C ASP B 47 7.15 4.32 10.63
N THR B 48 6.63 4.09 11.84
CA THR B 48 5.25 3.63 12.00
C THR B 48 4.53 4.42 13.08
N ARG B 49 3.21 4.50 12.91
CA ARG B 49 2.32 5.12 13.87
C ARG B 49 1.04 4.29 13.95
N ILE B 50 0.43 4.20 15.13
CA ILE B 50 -0.81 3.47 15.30
C ILE B 50 -1.95 4.39 14.95
N ILE B 51 -2.92 3.89 14.20
CA ILE B 51 -4.24 4.52 14.14
C ILE B 51 -5.27 3.64 14.87
N ARG B 52 -5.96 4.23 15.84
CA ARG B 52 -7.08 3.58 16.54
C ARG B 52 -8.35 4.36 16.19
N HIS B 53 -9.50 3.68 16.24
CA HIS B 53 -10.76 4.35 16.02
C HIS B 53 -11.48 4.55 17.36
N ALA B 54 -11.77 3.45 18.04
CA ALA B 54 -12.33 3.50 19.39
C ALA B 54 -11.24 4.06 20.27
N TYR B 55 -11.53 5.20 20.90
CA TYR B 55 -10.51 6.13 21.39
C TYR B 55 -10.52 6.37 22.90
N GLY B 56 -9.54 5.80 23.57
CA GLY B 56 -9.43 5.82 25.03
C GLY B 56 -9.13 7.18 25.63
N GLU B 57 -8.55 8.08 24.83
CA GLU B 57 -8.32 9.45 25.27
C GLU B 57 -9.65 10.22 25.31
N GLY B 58 -10.68 9.69 24.65
CA GLY B 58 -12.00 10.31 24.68
C GLY B 58 -12.82 9.98 23.45
N ARG B 59 -14.07 9.55 23.68
CA ARG B 59 -15.01 9.25 22.60
C ARG B 59 -15.21 10.42 21.62
N GLU B 60 -15.00 11.65 22.09
CA GLU B 60 -15.18 12.84 21.28
C GLU B 60 -14.23 12.87 20.07
N TYR B 61 -13.14 12.10 20.11
CA TYR B 61 -12.21 12.02 18.97
C TYR B 61 -12.66 11.05 17.87
N VAL B 62 -13.59 10.15 18.16
CA VAL B 62 -13.85 9.05 17.22
C VAL B 62 -14.30 9.47 15.81
N PRO B 63 -15.23 10.44 15.66
CA PRO B 63 -15.56 10.91 14.31
C PRO B 63 -14.35 11.43 13.54
N PHE B 64 -13.51 12.21 14.21
CA PHE B 64 -12.25 12.72 13.63
C PHE B 64 -11.37 11.55 13.16
N ALA B 65 -11.24 10.50 13.98
CA ALA B 65 -10.39 9.35 13.65
C ALA B 65 -10.94 8.56 12.48
N LEU B 66 -12.25 8.39 12.43
CA LEU B 66 -12.87 7.65 11.33
C LEU B 66 -12.73 8.39 10.00
N ARG B 67 -12.92 9.72 10.00
CA ARG B 67 -12.70 10.52 8.79
C ARG B 67 -11.21 10.47 8.39
N ALA B 68 -10.31 10.51 9.37
CA ALA B 68 -8.87 10.39 9.05
C ALA B 68 -8.58 9.06 8.35
N GLN B 69 -9.16 7.97 8.84
CA GLN B 69 -8.94 6.67 8.24
C GLN B 69 -9.41 6.68 6.79
N GLU B 70 -10.57 7.29 6.53
CA GLU B 70 -11.09 7.36 5.18
C GLU B 70 -10.12 8.10 4.26
N LEU B 71 -9.55 9.18 4.75
CA LEU B 71 -8.60 9.98 4.00
C LEU B 71 -7.28 9.23 3.80
N TRP B 72 -6.90 8.38 4.74
CA TRP B 72 -5.69 7.56 4.54
C TRP B 72 -5.91 6.52 3.45
N TYR B 73 -7.12 5.96 3.38
CA TYR B 73 -7.44 5.03 2.32
C TYR B 73 -7.42 5.74 0.98
N GLU B 74 -7.91 6.98 0.93
CA GLU B 74 -7.82 7.75 -0.31
C GLU B 74 -6.35 7.99 -0.72
N LEU B 75 -5.50 8.31 0.25
CA LEU B 75 -4.10 8.55 -0.04
C LEU B 75 -3.40 7.27 -0.55
N GLU B 76 -3.72 6.11 0.03
CA GLU B 76 -3.15 4.83 -0.38
C GLU B 76 -3.35 4.63 -1.89
N LYS B 77 -4.51 5.03 -2.40
CA LYS B 77 -4.85 4.83 -3.80
C LYS B 77 -4.12 5.79 -4.76
N GLU B 78 -3.62 6.90 -4.23
CA GLU B 78 -2.97 7.96 -5.01
C GLU B 78 -1.48 7.77 -5.21
N THR B 79 -0.85 7.05 -4.31
CA THR B 79 0.60 6.95 -4.29
C THR B 79 1.08 5.52 -4.41
N HIS B 80 2.36 5.37 -4.73
CA HIS B 80 2.99 4.08 -4.79
C HIS B 80 3.65 3.72 -3.44
N HIS B 81 3.77 4.68 -2.53
CA HIS B 81 4.25 4.39 -1.18
C HIS B 81 3.17 3.69 -0.33
N LYS B 82 3.62 2.77 0.52
CA LYS B 82 2.72 2.06 1.42
C LYS B 82 2.29 3.07 2.49
N ILE B 83 0.98 3.17 2.73
CA ILE B 83 0.42 4.07 3.70
C ILE B 83 -0.11 3.34 4.94
N PHE B 84 -0.90 2.29 4.75
CA PHE B 84 -1.63 1.68 5.86
C PHE B 84 -1.66 0.16 5.77
N THR B 85 -1.43 -0.49 6.88
CA THR B 85 -1.69 -1.94 7.01
C THR B 85 -2.59 -2.20 8.20
N GLN B 86 -3.55 -3.07 8.01
CA GLN B 86 -4.62 -3.30 8.99
C GLN B 86 -4.20 -4.39 9.99
N THR B 87 -3.28 -4.05 10.89
CA THR B 87 -2.84 -4.96 11.93
C THR B 87 -3.91 -5.23 13.00
N GLY B 88 -4.89 -4.35 13.08
CA GLY B 88 -5.72 -4.28 14.26
C GLY B 88 -4.95 -3.68 15.43
N VAL B 89 -5.66 -3.24 16.46
CA VAL B 89 -5.03 -2.71 17.67
C VAL B 89 -5.61 -3.35 18.91
N LEU B 90 -4.72 -3.86 19.75
CA LEU B 90 -5.06 -4.49 21.01
C LEU B 90 -4.84 -3.48 22.14
N VAL B 91 -5.85 -3.35 22.99
CA VAL B 91 -5.81 -2.48 24.17
C VAL B 91 -6.15 -3.37 25.38
N TYR B 92 -5.29 -3.32 26.40
CA TYR B 92 -5.57 -4.08 27.61
C TYR B 92 -5.07 -3.34 28.85
N GLY B 93 -5.56 -3.82 29.99
CA GLY B 93 -5.20 -3.28 31.29
C GLY B 93 -5.87 -4.10 32.37
N PRO B 94 -5.58 -3.78 33.62
CA PRO B 94 -6.25 -4.45 34.76
C PRO B 94 -7.76 -4.19 34.74
N LYS B 95 -8.57 -5.22 35.01
CA LYS B 95 -10.02 -5.06 35.04
C LYS B 95 -10.38 -4.04 36.09
N GLY B 96 -11.19 -3.05 35.70
CA GLY B 96 -11.65 -2.00 36.60
C GLY B 96 -10.66 -0.90 36.90
N GLY B 97 -9.43 -1.00 36.40
CA GLY B 97 -8.33 -0.19 36.87
C GLY B 97 -7.68 0.70 35.83
N SER B 98 -8.31 0.85 34.66
CA SER B 98 -7.76 1.73 33.63
C SER B 98 -8.85 2.55 32.95
N ALA B 99 -8.79 3.85 33.14
CA ALA B 99 -9.74 4.76 32.48
C ALA B 99 -9.59 4.67 30.95
N PHE B 100 -8.37 4.49 30.48
CA PHE B 100 -8.07 4.37 29.06
C PHE B 100 -8.74 3.15 28.44
N VAL B 101 -8.64 1.99 29.09
CA VAL B 101 -9.21 0.77 28.55
C VAL B 101 -10.75 0.86 28.61
N SER B 102 -11.29 1.37 29.72
CA SER B 102 -12.73 1.61 29.85
C SER B 102 -13.33 2.53 28.80
N GLU B 103 -12.63 3.62 28.48
CA GLU B 103 -13.14 4.58 27.50
C GLU B 103 -13.03 4.00 26.09
N THR B 104 -12.02 3.18 25.85
CA THR B 104 -11.87 2.47 24.56
C THR B 104 -13.11 1.57 24.36
N MET B 105 -13.42 0.80 25.39
CA MET B 105 -14.54 -0.12 25.33
C MET B 105 -15.85 0.61 25.12
N GLU B 106 -16.05 1.72 25.81
CA GLU B 106 -17.31 2.47 25.68
C GLU B 106 -17.42 3.20 24.33
N ALA B 107 -16.29 3.68 23.82
CA ALA B 107 -16.23 4.31 22.52
C ALA B 107 -16.61 3.32 21.43
N ALA B 108 -16.14 2.08 21.55
CA ALA B 108 -16.43 1.06 20.55
C ALA B 108 -17.93 0.72 20.54
N ASN B 109 -18.55 0.74 21.71
CA ASN B 109 -19.98 0.48 21.84
C ASN B 109 -20.78 1.66 21.30
N ILE B 110 -20.41 2.87 21.72
CA ILE B 110 -21.07 4.11 21.25
C ILE B 110 -21.05 4.27 19.71
N HIS B 111 -19.94 3.88 19.08
CA HIS B 111 -19.79 4.01 17.62
C HIS B 111 -20.06 2.71 16.84
N SER B 112 -20.56 1.68 17.52
CA SER B 112 -20.91 0.39 16.90
C SER B 112 -19.77 -0.14 16.04
N LEU B 113 -18.57 -0.11 16.61
CA LEU B 113 -17.37 -0.56 15.90
C LEU B 113 -17.10 -2.02 16.21
N GLU B 114 -16.68 -2.78 15.20
CA GLU B 114 -16.29 -4.15 15.37
C GLU B 114 -15.16 -4.26 16.40
N HIS B 115 -15.34 -5.17 17.34
CA HIS B 115 -14.35 -5.44 18.37
C HIS B 115 -14.57 -6.82 18.99
N GLU B 116 -13.54 -7.33 19.64
CA GLU B 116 -13.62 -8.58 20.39
C GLU B 116 -13.03 -8.33 21.78
N LEU B 117 -13.63 -8.95 22.80
CA LEU B 117 -13.20 -8.82 24.19
C LEU B 117 -12.51 -10.10 24.62
N PHE B 118 -11.47 -9.94 25.42
CA PHE B 118 -10.75 -11.05 26.00
C PHE B 118 -10.49 -10.79 27.49
N GLU B 119 -10.30 -11.86 28.25
CA GLU B 119 -9.86 -11.77 29.63
C GLU B 119 -8.74 -12.76 29.89
N GLY B 120 -7.71 -12.33 30.62
CA GLY B 120 -6.65 -13.24 31.06
C GLY B 120 -6.05 -14.16 30.02
N LYS B 121 -6.16 -15.47 30.24
CA LYS B 121 -5.49 -16.46 29.41
C LYS B 121 -6.00 -16.48 27.97
N GLN B 122 -7.25 -16.04 27.77
CA GLN B 122 -7.86 -15.92 26.45
C GLN B 122 -7.01 -15.10 25.50
N LEU B 123 -6.35 -14.06 26.00
CA LEU B 123 -5.46 -13.27 25.17
C LEU B 123 -4.31 -14.11 24.61
N THR B 124 -3.67 -14.92 25.44
CA THR B 124 -2.56 -15.76 24.99
C THR B 124 -3.04 -16.87 24.04
N ASP B 125 -4.26 -17.36 24.24
CA ASP B 125 -4.83 -18.37 23.33
C ASP B 125 -4.94 -17.81 21.92
N ARG B 126 -5.24 -16.51 21.81
CA ARG B 126 -5.34 -15.85 20.52
C ARG B 126 -3.97 -15.52 19.94
N TRP B 127 -3.12 -14.86 20.73
CA TRP B 127 -1.75 -14.52 20.34
C TRP B 127 -0.74 -15.08 21.35
N ALA B 128 0.00 -16.10 20.95
CA ALA B 128 0.94 -16.78 21.82
C ALA B 128 1.99 -15.86 22.44
N GLY B 129 2.31 -14.78 21.74
CA GLY B 129 3.37 -13.88 22.17
C GLY B 129 3.02 -12.88 23.25
N VAL B 130 1.77 -12.79 23.64
CA VAL B 130 1.42 -11.89 24.74
C VAL B 130 0.91 -12.66 25.96
N GLU B 131 1.31 -12.21 27.15
CA GLU B 131 0.95 -12.83 28.43
C GLU B 131 0.50 -11.74 29.40
N VAL B 132 -0.73 -11.82 29.87
CA VAL B 132 -1.24 -10.91 30.87
C VAL B 132 -1.72 -11.69 32.10
N PRO B 133 -1.78 -11.01 33.25
CA PRO B 133 -2.42 -11.60 34.43
C PRO B 133 -3.90 -11.96 34.22
N ASP B 134 -4.37 -12.94 34.97
CA ASP B 134 -5.77 -13.37 34.91
C ASP B 134 -6.76 -12.22 35.10
N ASN B 135 -6.38 -11.22 35.89
CA ASN B 135 -7.29 -10.12 36.17
C ASN B 135 -7.25 -8.96 35.17
N TYR B 136 -6.64 -9.18 34.00
CA TYR B 136 -6.62 -8.15 32.95
C TYR B 136 -7.76 -8.41 31.98
N GLU B 137 -8.25 -7.32 31.37
CA GLU B 137 -9.25 -7.37 30.31
C GLU B 137 -8.66 -6.66 29.10
N ALA B 138 -9.18 -7.03 27.94
CA ALA B 138 -8.67 -6.54 26.68
C ALA B 138 -9.79 -6.34 25.69
N ILE B 139 -9.57 -5.40 24.79
CA ILE B 139 -10.41 -5.22 23.62
C ILE B 139 -9.50 -5.14 22.40
N PHE B 140 -9.89 -5.85 21.34
CA PHE B 140 -9.18 -5.81 20.08
C PHE B 140 -10.11 -5.18 19.03
N GLU B 141 -9.55 -4.25 18.28
CA GLU B 141 -10.25 -3.55 17.23
C GLU B 141 -9.58 -4.01 15.93
N PRO B 142 -10.21 -4.93 15.20
CA PRO B 142 -9.55 -5.50 14.03
C PRO B 142 -9.36 -4.54 12.85
N ASN B 143 -10.17 -3.50 12.70
CA ASN B 143 -10.14 -2.69 11.48
C ASN B 143 -9.19 -1.49 11.56
N SER B 144 -8.59 -1.25 12.70
CA SER B 144 -7.60 -0.17 12.77
C SER B 144 -6.21 -0.80 12.52
N GLY B 145 -5.14 -0.04 12.68
CA GLY B 145 -3.82 -0.59 12.39
C GLY B 145 -2.71 0.42 12.43
N VAL B 146 -1.87 0.39 11.40
CA VAL B 146 -0.57 1.05 11.40
C VAL B 146 -0.38 1.89 10.14
N LEU B 147 0.05 3.13 10.34
CA LEU B 147 0.42 4.06 9.26
C LEU B 147 1.94 4.12 9.13
N PHE B 148 2.43 4.16 7.92
CA PHE B 148 3.85 4.36 7.65
C PHE B 148 4.09 5.85 7.52
N SER B 149 4.41 6.46 8.67
CA SER B 149 4.32 7.91 8.84
C SER B 149 5.23 8.72 7.92
N GLU B 150 6.46 8.27 7.76
CA GLU B 150 7.38 8.94 6.85
C GLU B 150 6.91 8.79 5.41
N ASN B 151 6.35 7.63 5.07
CA ASN B 151 5.77 7.42 3.74
C ASN B 151 4.60 8.36 3.51
N CYS B 152 3.80 8.60 4.55
CA CYS B 152 2.63 9.51 4.42
C CYS B 152 3.09 10.93 4.08
N ILE B 153 4.08 11.41 4.81
CA ILE B 153 4.60 12.76 4.56
C ILE B 153 5.26 12.85 3.17
N GLN B 154 6.04 11.85 2.80
CA GLN B 154 6.67 11.83 1.48
C GLN B 154 5.64 11.82 0.36
N ALA B 155 4.58 11.03 0.52
CA ALA B 155 3.51 10.97 -0.48
C ALA B 155 2.83 12.30 -0.58
N TYR B 156 2.49 12.88 0.56
CA TYR B 156 1.80 14.18 0.54
C TYR B 156 2.68 15.23 -0.16
N ARG B 157 3.96 15.20 0.13
CA ARG B 157 4.92 16.14 -0.44
C ARG B 157 5.03 15.99 -1.95
N GLU B 158 5.18 14.76 -2.42
CA GLU B 158 5.36 14.50 -3.85
C GLU B 158 4.10 14.89 -4.62
N LEU B 159 2.95 14.58 -4.05
CA LEU B 159 1.69 14.91 -4.67
C LEU B 159 1.42 16.42 -4.64
N ALA B 160 1.69 17.08 -3.52
CA ALA B 160 1.52 18.53 -3.40
C ALA B 160 2.40 19.24 -4.42
N GLU B 161 3.66 18.82 -4.52
CA GLU B 161 4.62 19.45 -5.44
C GLU B 161 4.20 19.24 -6.91
N ALA B 162 3.67 18.08 -7.23
CA ALA B 162 3.16 17.83 -8.57
C ALA B 162 1.92 18.70 -8.88
N HIS B 163 1.14 19.05 -7.85
CA HIS B 163 0.00 19.98 -8.01
C HIS B 163 0.42 21.45 -8.08
N GLY B 164 1.71 21.73 -7.93
CA GLY B 164 2.25 23.08 -8.04
C GLY B 164 2.77 23.69 -6.74
N ALA B 165 2.65 22.98 -5.61
CA ALA B 165 3.18 23.51 -4.34
C ALA B 165 4.69 23.68 -4.39
N THR B 166 5.18 24.73 -3.74
CA THR B 166 6.61 24.99 -3.66
C THR B 166 7.05 24.63 -2.26
N VAL B 167 8.14 23.86 -2.12
CA VAL B 167 8.64 23.42 -0.83
C VAL B 167 10.06 23.96 -0.64
N LEU B 168 10.29 24.65 0.47
CA LEU B 168 11.59 25.19 0.82
C LEU B 168 12.09 24.46 2.05
N THR B 169 13.20 23.75 1.90
CA THR B 169 13.81 22.97 2.99
C THR B 169 14.97 23.72 3.60
N TYR B 170 15.34 23.31 4.82
CA TYR B 170 16.46 23.92 5.55
C TYR B 170 16.34 25.42 5.59
N THR B 171 15.13 25.90 5.79
CA THR B 171 14.93 27.34 5.92
C THR B 171 13.96 27.64 7.03
N PRO B 172 14.50 27.70 8.25
CA PRO B 172 13.68 28.06 9.40
C PRO B 172 13.08 29.47 9.25
N VAL B 173 11.84 29.60 9.67
CA VAL B 173 11.18 30.87 9.79
C VAL B 173 11.58 31.43 11.17
N GLU B 174 12.02 32.69 11.17
CA GLU B 174 12.54 33.36 12.36
C GLU B 174 11.53 34.35 12.97
N ASP B 175 10.67 34.94 12.13
CA ASP B 175 9.68 35.91 12.59
C ASP B 175 8.47 35.94 11.63
N PHE B 176 7.37 36.47 12.13
CA PHE B 176 6.15 36.69 11.36
C PHE B 176 5.72 38.16 11.44
N GLU B 177 5.10 38.64 10.37
CA GLU B 177 4.46 39.96 10.35
C GLU B 177 3.07 39.71 9.80
N VAL B 178 2.04 39.95 10.60
CA VAL B 178 0.68 39.59 10.21
C VAL B 178 -0.28 40.78 10.24
N THR B 179 -0.92 41.02 9.11
CA THR B 179 -2.11 41.87 9.04
C THR B 179 -3.28 41.05 8.48
N GLU B 180 -4.47 41.62 8.59
CA GLU B 180 -5.69 41.04 8.00
C GLU B 180 -5.55 40.71 6.49
N ASP B 181 -4.80 41.54 5.77
CA ASP B 181 -4.68 41.42 4.31
C ASP B 181 -3.41 40.70 3.85
N LEU B 182 -2.38 40.68 4.69
CA LEU B 182 -1.09 40.17 4.27
C LEU B 182 -0.31 39.49 5.40
N VAL B 183 0.27 38.33 5.08
CA VAL B 183 1.16 37.64 5.99
C VAL B 183 2.54 37.69 5.38
N THR B 184 3.55 37.91 6.22
CA THR B 184 4.94 37.91 5.81
C THR B 184 5.73 37.03 6.78
N ILE B 185 6.55 36.12 6.23
CA ILE B 185 7.50 35.37 7.04
C ILE B 185 8.91 35.85 6.72
N LYS B 186 9.74 35.87 7.74
CA LYS B 186 11.12 36.29 7.64
C LYS B 186 12.02 35.07 7.86
N THR B 187 12.93 34.83 6.93
CA THR B 187 13.95 33.78 7.05
C THR B 187 15.34 34.39 6.87
N ALA B 188 16.38 33.57 7.04
CA ALA B 188 17.75 34.04 6.84
C ALA B 188 18.06 34.30 5.36
N LYS B 189 17.32 33.64 4.46
CA LYS B 189 17.49 33.82 3.01
C LYS B 189 16.49 34.80 2.38
N GLY B 190 15.71 35.52 3.20
CA GLY B 190 14.77 36.52 2.71
C GLY B 190 13.32 36.37 3.18
N SER B 191 12.44 37.21 2.67
CA SER B 191 11.03 37.24 3.08
C SER B 191 10.11 36.61 2.05
N TYR B 192 8.93 36.16 2.49
CA TYR B 192 7.87 35.66 1.62
C TYR B 192 6.55 36.18 2.16
N THR B 193 5.59 36.39 1.28
CA THR B 193 4.29 36.92 1.65
C THR B 193 3.17 36.05 1.11
N ALA B 194 2.00 36.12 1.76
CA ALA B 194 0.80 35.45 1.31
C ALA B 194 -0.46 36.12 1.87
N ASN B 195 -1.63 35.67 1.41
CA ASN B 195 -2.90 36.09 2.02
C ASN B 195 -3.24 35.37 3.31
N LYS B 196 -2.81 34.10 3.41
CA LYS B 196 -3.13 33.25 4.57
C LYS B 196 -1.89 32.57 5.09
N LEU B 197 -1.92 32.21 6.37
CA LEU B 197 -0.84 31.49 7.03
C LEU B 197 -1.37 30.25 7.75
N VAL B 198 -0.68 29.12 7.60
CA VAL B 198 -0.89 27.92 8.43
C VAL B 198 0.36 27.71 9.24
N VAL B 199 0.24 27.60 10.56
CA VAL B 199 1.41 27.46 11.40
C VAL B 199 1.33 26.12 12.10
N SER B 200 2.32 25.28 11.85
CA SER B 200 2.32 23.89 12.29
C SER B 200 3.79 23.44 12.50
N MET B 201 4.42 24.00 13.53
CA MET B 201 5.85 23.83 13.77
C MET B 201 6.20 22.74 14.77
N GLY B 202 5.21 21.93 15.13
CA GLY B 202 5.48 20.81 16.03
C GLY B 202 6.02 21.29 17.37
N ALA B 203 7.12 20.68 17.82
CA ALA B 203 7.68 21.00 19.12
C ALA B 203 8.13 22.48 19.17
N TRP B 204 8.46 23.05 18.01
CA TRP B 204 8.88 24.46 17.95
C TRP B 204 7.71 25.44 18.08
N ASN B 205 6.46 24.96 18.01
CA ASN B 205 5.33 25.82 18.37
C ASN B 205 5.51 26.35 19.81
N SER B 206 6.14 25.56 20.70
CA SER B 206 6.39 25.98 22.08
C SER B 206 7.34 27.18 22.22
N LYS B 207 8.19 27.41 21.23
CA LYS B 207 9.17 28.49 21.25
C LYS B 207 8.76 29.69 20.41
N LEU B 208 8.05 29.45 19.30
CA LEU B 208 7.87 30.47 18.26
C LEU B 208 6.45 31.00 18.06
N LEU B 209 5.46 30.41 18.72
CA LEU B 209 4.10 30.95 18.65
C LEU B 209 4.03 32.38 19.28
N SER B 210 4.96 32.66 20.17
CA SER B 210 5.04 33.99 20.79
C SER B 210 5.33 35.07 19.74
N LYS B 211 6.00 34.72 18.64
CA LYS B 211 6.22 35.66 17.53
C LYS B 211 4.91 36.07 16.80
N LEU B 212 3.86 35.31 17.03
CA LEU B 212 2.51 35.64 16.56
C LEU B 212 1.60 36.18 17.67
N ASP B 213 2.16 36.48 18.84
CA ASP B 213 1.38 36.89 20.01
C ASP B 213 0.27 35.89 20.39
N VAL B 214 0.61 34.60 20.33
CA VAL B 214 -0.23 33.53 20.88
C VAL B 214 0.55 32.95 22.03
N GLU B 215 -0.06 32.90 23.21
CA GLU B 215 0.61 32.41 24.41
C GLU B 215 -0.20 31.26 24.98
N ILE B 216 0.21 30.03 24.64
CA ILE B 216 -0.41 28.84 25.20
C ILE B 216 0.59 27.87 25.84
N PRO B 217 0.13 27.09 26.81
CA PRO B 217 1.00 26.14 27.50
C PRO B 217 1.27 24.92 26.61
N LEU B 218 2.53 24.81 26.17
CA LEU B 218 3.00 23.71 25.34
C LEU B 218 4.34 23.25 25.92
N GLN B 219 4.47 21.96 26.16
CA GLN B 219 5.69 21.41 26.74
C GLN B 219 6.18 20.27 25.88
N PRO B 220 7.31 20.44 25.22
CA PRO B 220 7.97 19.35 24.50
C PRO B 220 8.54 18.27 25.42
N TYR B 221 8.40 17.01 25.02
CA TYR B 221 8.92 15.85 25.73
C TYR B 221 9.74 14.98 24.79
N ARG B 222 10.87 14.50 25.28
CA ARG B 222 11.69 13.54 24.56
C ARG B 222 11.12 12.14 24.79
N GLN B 223 10.75 11.45 23.73
CA GLN B 223 10.09 10.17 23.78
C GLN B 223 10.81 9.21 22.85
N VAL B 224 11.30 8.11 23.39
CA VAL B 224 12.05 7.17 22.58
C VAL B 224 11.25 5.93 22.27
N VAL B 225 11.66 5.26 21.20
CA VAL B 225 11.18 3.92 20.88
C VAL B 225 12.35 3.02 20.55
N GLY B 226 12.21 1.73 20.85
CA GLY B 226 13.21 0.73 20.52
C GLY B 226 12.63 -0.39 19.66
N PHE B 227 13.49 -0.93 18.79
CA PHE B 227 13.16 -2.06 17.93
C PHE B 227 13.96 -3.26 18.47
N PHE B 228 13.29 -4.35 18.77
CA PHE B 228 13.92 -5.50 19.40
C PHE B 228 13.79 -6.75 18.55
N GLU B 229 14.87 -7.52 18.46
CA GLU B 229 14.84 -8.83 17.80
C GLU B 229 13.81 -9.70 18.50
N CYS B 230 13.00 -10.39 17.73
CA CYS B 230 11.87 -11.11 18.29
C CYS B 230 11.62 -12.42 17.57
N ASP B 231 10.85 -13.29 18.21
CA ASP B 231 10.43 -14.54 17.58
C ASP B 231 9.44 -14.17 16.46
N GLU B 232 9.90 -14.21 15.22
CA GLU B 232 9.06 -13.77 14.09
C GLU B 232 7.81 -14.63 13.91
N ALA B 233 7.87 -15.90 14.31
CA ALA B 233 6.68 -16.77 14.26
C ALA B 233 5.54 -16.28 15.17
N LYS B 234 5.88 -15.54 16.22
CA LYS B 234 4.88 -14.95 17.11
C LYS B 234 4.58 -13.46 16.86
N TYR B 235 5.59 -12.66 16.50
CA TYR B 235 5.45 -11.19 16.54
C TYR B 235 5.49 -10.50 15.19
N SER B 236 5.66 -11.25 14.11
CA SER B 236 5.61 -10.67 12.76
C SER B 236 4.19 -10.23 12.41
N ASN B 237 4.08 -9.15 11.66
CA ASN B 237 2.82 -8.80 11.01
C ASN B 237 2.32 -9.97 10.16
N ASN B 238 3.22 -10.77 9.56
CA ASN B 238 2.80 -11.94 8.80
C ASN B 238 2.10 -13.00 9.65
N ALA B 239 2.43 -13.05 10.94
CA ALA B 239 1.71 -13.89 11.91
C ALA B 239 0.49 -13.23 12.56
N HIS B 240 0.13 -12.03 12.09
CA HIS B 240 -1.07 -11.34 12.51
C HIS B 240 -0.98 -10.86 13.96
N TYR B 241 0.25 -10.59 14.41
CA TYR B 241 0.41 -9.99 15.72
C TYR B 241 -0.07 -8.54 15.60
N PRO B 242 -0.83 -8.06 16.57
CA PRO B 242 -1.44 -6.74 16.47
C PRO B 242 -0.51 -5.62 16.95
N ALA B 243 -0.79 -4.40 16.51
CA ALA B 243 -0.26 -3.22 17.21
C ALA B 243 -0.99 -3.16 18.55
N PHE B 244 -0.42 -2.45 19.51
CA PHE B 244 -0.99 -2.42 20.84
C PHE B 244 -0.76 -1.09 21.56
N MET B 245 -1.72 -0.75 22.42
CA MET B 245 -1.59 0.37 23.33
C MET B 245 -2.27 -0.05 24.62
N VAL B 246 -1.48 -0.18 25.68
CA VAL B 246 -1.93 -0.88 26.87
C VAL B 246 -1.59 -0.10 28.13
N GLU B 247 -2.34 -0.34 29.19
CA GLU B 247 -2.05 0.26 30.48
C GLU B 247 -1.65 -0.87 31.45
N VAL B 248 -0.48 -0.74 32.05
CA VAL B 248 0.02 -1.72 33.00
C VAL B 248 0.34 -0.98 34.32
N GLU B 249 1.03 -1.59 35.25
CA GLU B 249 1.16 -1.02 36.62
C GLU B 249 1.88 0.34 36.64
N ASN B 250 2.86 0.49 35.75
CA ASN B 250 3.64 1.72 35.65
C ASN B 250 3.25 2.68 34.50
N GLY B 251 2.07 2.47 33.89
CA GLY B 251 1.55 3.38 32.90
C GLY B 251 1.35 2.75 31.54
N ILE B 252 1.42 3.56 30.50
CA ILE B 252 1.00 3.16 29.16
C ILE B 252 2.18 2.89 28.24
N TYR B 253 2.13 1.75 27.55
CA TYR B 253 3.08 1.41 26.53
C TYR B 253 2.34 1.18 25.21
N TYR B 254 3.06 1.30 24.10
CA TYR B 254 2.48 1.06 22.79
C TYR B 254 3.52 0.40 21.91
N GLY B 255 3.06 -0.35 20.92
CA GLY B 255 3.99 -1.01 20.03
C GLY B 255 3.39 -1.65 18.81
N PHE B 256 4.27 -2.31 18.08
CA PHE B 256 4.01 -2.72 16.71
C PHE B 256 4.57 -4.10 16.46
N PRO B 257 3.88 -4.85 15.59
CA PRO B 257 4.45 -6.12 15.13
C PRO B 257 5.68 -5.82 14.29
N SER B 258 6.52 -6.82 14.11
CA SER B 258 7.67 -6.75 13.24
C SER B 258 7.24 -6.71 11.75
N PHE B 259 7.73 -5.71 11.02
CA PHE B 259 7.51 -5.60 9.58
C PHE B 259 8.81 -5.87 8.84
N GLY B 260 8.81 -6.87 7.96
CA GLY B 260 9.99 -7.21 7.21
C GLY B 260 11.23 -7.49 8.04
N GLY B 261 11.07 -8.09 9.21
CA GLY B 261 12.19 -8.37 10.08
C GLY B 261 12.76 -7.15 10.79
N SER B 262 11.99 -6.07 10.88
CA SER B 262 12.41 -4.85 11.59
C SER B 262 12.63 -5.06 13.10
N GLY B 263 12.01 -6.10 13.66
CA GLY B 263 11.92 -6.25 15.09
C GLY B 263 10.64 -5.62 15.61
N LEU B 264 10.26 -6.01 16.82
CA LEU B 264 9.10 -5.42 17.48
C LEU B 264 9.50 -4.03 17.98
N LYS B 265 8.66 -3.04 17.68
CA LYS B 265 8.90 -1.67 18.10
C LYS B 265 8.02 -1.37 19.30
N ILE B 266 8.59 -0.75 20.31
CA ILE B 266 7.83 -0.43 21.52
C ILE B 266 8.28 0.92 22.08
N GLY B 267 7.32 1.66 22.65
CA GLY B 267 7.58 2.89 23.36
C GLY B 267 6.79 2.95 24.65
N TYR B 268 7.28 3.78 25.57
CA TYR B 268 6.68 4.01 26.86
C TYR B 268 6.11 5.41 26.80
N HIS B 269 4.80 5.49 26.92
CA HIS B 269 4.06 6.74 26.71
C HIS B 269 4.05 7.65 27.94
N SER B 270 4.12 7.05 29.12
CA SER B 270 3.86 7.77 30.39
C SER B 270 5.07 8.46 31.02
N TYR B 271 6.21 8.41 30.36
CA TYR B 271 7.37 9.13 30.83
C TYR B 271 8.17 9.60 29.63
N GLY B 272 8.75 10.79 29.78
CA GLY B 272 9.73 11.31 28.84
C GLY B 272 10.38 12.50 29.47
N GLN B 273 11.54 12.90 28.96
CA GLN B 273 12.27 14.06 29.51
C GLN B 273 11.71 15.37 28.95
N GLN B 274 11.48 16.35 29.81
CA GLN B 274 11.09 17.68 29.35
C GLN B 274 12.31 18.35 28.73
N ILE B 275 12.13 18.83 27.50
CA ILE B 275 13.25 19.29 26.70
C ILE B 275 12.95 20.56 25.93
N ASP B 276 14.02 21.14 25.39
CA ASP B 276 13.98 22.17 24.39
C ASP B 276 14.33 21.52 23.06
N PRO B 277 13.46 21.64 22.05
CA PRO B 277 13.71 20.95 20.76
C PRO B 277 15.05 21.31 20.09
N ASP B 278 15.58 22.49 20.39
CA ASP B 278 16.89 22.88 19.85
C ASP B 278 18.08 22.21 20.54
N THR B 279 17.89 21.70 21.76
CA THR B 279 18.99 21.08 22.51
C THR B 279 18.74 19.60 22.91
N ILE B 280 17.64 19.02 22.45
CA ILE B 280 17.33 17.61 22.74
C ILE B 280 18.47 16.65 22.38
N ASN B 281 18.68 15.63 23.21
CA ASN B 281 19.74 14.64 22.99
C ASN B 281 19.17 13.57 22.05
N ARG B 282 19.74 13.48 20.86
CA ARG B 282 19.19 12.70 19.77
C ARG B 282 19.70 11.24 19.73
N GLU B 283 20.50 10.84 20.71
CA GLU B 283 20.98 9.47 20.84
C GLU B 283 20.02 8.62 21.68
N PHE B 284 19.61 7.49 21.15
CA PHE B 284 18.94 6.46 21.94
C PHE B 284 20.00 5.78 22.81
N GLY B 285 19.75 5.74 24.11
CA GLY B 285 20.73 5.27 25.07
C GLY B 285 21.46 6.40 25.79
N ALA B 286 21.08 7.66 25.53
CA ALA B 286 21.63 8.78 26.31
C ALA B 286 21.24 8.71 27.78
N TYR B 287 20.09 8.07 28.05
CA TYR B 287 19.60 7.86 29.40
C TYR B 287 19.38 6.36 29.56
N PRO B 288 19.70 5.80 30.72
CA PRO B 288 19.49 4.37 30.97
C PRO B 288 18.00 3.96 30.87
N GLU B 289 17.09 4.88 31.11
CA GLU B 289 15.66 4.64 31.00
C GLU B 289 15.23 4.28 29.58
N ASP B 290 15.93 4.78 28.58
CA ASP B 290 15.55 4.61 27.17
C ASP B 290 15.29 3.12 26.87
N GLU B 291 16.28 2.29 27.12
CA GLU B 291 16.17 0.86 26.91
C GLU B 291 15.50 0.17 28.09
N ALA B 292 15.85 0.55 29.32
CA ALA B 292 15.41 -0.21 30.48
C ALA B 292 13.89 -0.17 30.70
N ASN B 293 13.24 0.95 30.41
CA ASN B 293 11.79 1.01 30.60
C ASN B 293 11.05 0.07 29.63
N LEU B 294 11.65 -0.13 28.46
CA LEU B 294 11.05 -1.01 27.45
C LEU B 294 11.23 -2.47 27.81
N ARG B 295 12.42 -2.84 28.28
CA ARG B 295 12.69 -4.22 28.63
C ARG B 295 11.88 -4.70 29.82
N LYS B 296 11.56 -3.81 30.75
CA LYS B 296 10.73 -4.13 31.90
C LYS B 296 9.35 -4.61 31.48
N PHE B 297 8.79 -3.93 30.48
CA PHE B 297 7.55 -4.36 29.86
C PHE B 297 7.70 -5.69 29.07
N LEU B 298 8.65 -5.75 28.13
CA LEU B 298 8.77 -6.91 27.25
C LEU B 298 8.98 -8.18 28.08
N GLU B 299 9.85 -8.09 29.08
CA GLU B 299 10.20 -9.25 29.92
C GLU B 299 8.95 -9.86 30.57
N GLN B 300 8.00 -9.02 30.94
CA GLN B 300 6.79 -9.46 31.60
C GLN B 300 5.70 -9.89 30.60
N TYR B 301 5.40 -9.02 29.63
CA TYR B 301 4.21 -9.16 28.78
C TYR B 301 4.44 -9.81 27.42
N MET B 302 5.62 -9.65 26.85
CA MET B 302 5.94 -10.17 25.54
C MET B 302 7.35 -10.75 25.53
N PRO B 303 7.56 -11.81 26.33
CA PRO B 303 8.91 -12.30 26.64
C PRO B 303 9.72 -12.79 25.44
N GLY B 304 9.07 -13.32 24.42
CA GLY B 304 9.73 -13.69 23.19
C GLY B 304 10.19 -12.54 22.28
N ALA B 305 9.85 -11.29 22.63
CA ALA B 305 10.26 -10.11 21.87
C ALA B 305 11.31 -9.27 22.62
N ASN B 306 11.89 -9.83 23.68
CA ASN B 306 12.88 -9.15 24.52
C ASN B 306 14.31 -9.55 24.11
N GLY B 307 14.57 -9.53 22.80
CA GLY B 307 15.86 -9.88 22.24
C GLY B 307 16.80 -8.69 22.18
N GLU B 308 17.85 -8.84 21.39
CA GLU B 308 18.82 -7.78 21.12
C GLU B 308 18.16 -6.49 20.61
N LEU B 309 18.64 -5.34 21.09
CA LEU B 309 18.22 -4.04 20.57
C LEU B 309 18.80 -3.88 19.17
N LYS B 310 17.93 -3.70 18.19
CA LYS B 310 18.35 -3.57 16.81
C LYS B 310 18.66 -2.12 16.49
N LYS B 311 17.76 -1.24 16.89
CA LYS B 311 17.98 0.20 16.82
C LYS B 311 16.96 0.93 17.67
N GLY B 312 17.18 2.21 17.85
CA GLY B 312 16.24 3.06 18.57
C GLY B 312 16.02 4.38 17.85
N ALA B 313 14.99 5.11 18.25
CA ALA B 313 14.73 6.45 17.73
C ALA B 313 14.35 7.39 18.88
N VAL B 314 14.67 8.67 18.67
CA VAL B 314 14.34 9.74 19.60
C VAL B 314 13.43 10.74 18.90
N CYS B 315 12.26 10.95 19.48
CA CYS B 315 11.17 11.68 18.88
C CYS B 315 10.62 12.62 19.98
N MET B 316 9.71 13.53 19.65
CA MET B 316 9.19 14.49 20.63
C MET B 316 7.68 14.47 20.62
N TYR B 317 7.06 14.50 21.79
CA TYR B 317 5.66 14.93 21.95
C TYR B 317 5.63 16.42 22.30
N THR B 318 4.52 17.09 21.99
CA THR B 318 4.27 18.45 22.46
C THR B 318 2.95 18.46 23.17
N LYS B 319 2.99 18.53 24.50
CA LYS B 319 1.81 18.37 25.31
C LYS B 319 1.16 19.71 25.71
N THR B 320 -0.16 19.73 25.62
CA THR B 320 -1.01 20.71 26.31
C THR B 320 -1.39 20.18 27.69
N PRO B 321 -1.85 21.03 28.62
CA PRO B 321 -2.25 20.55 29.96
C PRO B 321 -3.36 19.49 29.98
N ASP B 322 -4.28 19.56 29.03
CA ASP B 322 -5.38 18.58 28.99
C ASP B 322 -5.11 17.44 27.97
N GLU B 323 -3.99 17.56 27.28
CA GLU B 323 -3.57 16.59 26.27
C GLU B 323 -4.51 16.53 25.06
N HIS B 324 -5.33 17.57 24.87
CA HIS B 324 -6.11 17.74 23.65
C HIS B 324 -5.43 18.71 22.71
N PHE B 325 -5.70 18.57 21.42
CA PHE B 325 -5.02 19.33 20.40
C PHE B 325 -5.43 20.80 20.43
N VAL B 326 -4.66 21.63 19.73
CA VAL B 326 -5.02 23.00 19.43
C VAL B 326 -5.14 23.13 17.91
N ILE B 327 -6.36 23.31 17.44
CA ILE B 327 -6.61 23.54 16.03
C ILE B 327 -7.64 24.67 15.98
N ASP B 328 -7.23 25.84 15.52
CA ASP B 328 -8.09 27.02 15.56
C ASP B 328 -7.52 28.13 14.71
N LEU B 329 -8.33 29.14 14.43
CA LEU B 329 -7.81 30.41 13.91
C LEU B 329 -7.18 31.20 15.03
N HIS B 330 -6.28 32.09 14.65
CA HIS B 330 -5.70 33.06 15.56
C HIS B 330 -6.84 33.97 16.04
N PRO B 331 -6.91 34.34 17.32
CA PRO B 331 -8.05 35.13 17.84
C PRO B 331 -8.21 36.56 17.29
N LYS B 332 -7.12 37.15 16.81
CA LYS B 332 -7.10 38.49 16.21
C LYS B 332 -7.06 38.46 14.68
N TYR B 333 -6.51 37.40 14.10
CA TYR B 333 -6.32 37.31 12.64
C TYR B 333 -6.95 36.05 12.03
N SER B 334 -8.06 36.23 11.32
CA SER B 334 -8.83 35.11 10.77
C SER B 334 -8.16 34.50 9.53
N ASN B 335 -7.11 35.14 9.04
CA ASN B 335 -6.29 34.59 7.96
C ASN B 335 -5.09 33.74 8.47
N VAL B 336 -5.06 33.43 9.77
CA VAL B 336 -3.99 32.63 10.38
C VAL B 336 -4.58 31.40 11.08
N ALA B 337 -4.15 30.20 10.69
CA ALA B 337 -4.60 28.96 11.30
C ALA B 337 -3.44 28.29 11.99
N ILE B 338 -3.72 27.67 13.13
CA ILE B 338 -2.72 27.12 14.02
C ILE B 338 -3.07 25.65 14.34
N ALA B 339 -2.07 24.77 14.25
CA ALA B 339 -2.18 23.37 14.65
C ALA B 339 -1.02 23.06 15.57
N ALA B 340 -1.31 22.79 16.84
CA ALA B 340 -0.27 22.58 17.86
C ALA B 340 -0.74 21.62 18.94
N GLY B 341 0.21 21.12 19.73
CA GLY B 341 -0.13 20.48 20.97
C GLY B 341 -0.74 19.09 20.83
N PHE B 342 -0.24 18.33 19.88
CA PHE B 342 -0.81 17.01 19.60
C PHE B 342 -0.55 15.95 20.65
N SER B 343 0.26 16.27 21.66
CA SER B 343 0.28 15.56 22.92
C SER B 343 0.56 14.05 22.78
N GLY B 344 1.37 13.67 21.80
CA GLY B 344 1.79 12.30 21.59
C GLY B 344 0.78 11.40 20.90
N HIS B 345 -0.32 11.96 20.38
CA HIS B 345 -1.33 11.13 19.73
C HIS B 345 -1.98 11.73 18.47
N GLY B 346 -1.23 12.60 17.79
CA GLY B 346 -1.76 13.34 16.65
C GLY B 346 -1.57 12.72 15.28
N PHE B 347 -0.60 11.82 15.10
CA PHE B 347 -0.25 11.44 13.74
C PHE B 347 -1.41 10.83 12.97
N LYS B 348 -2.16 9.96 13.64
CA LYS B 348 -3.30 9.29 13.01
C LYS B 348 -4.32 10.26 12.46
N PHE B 349 -4.40 11.46 13.04
CA PHE B 349 -5.33 12.49 12.56
C PHE B 349 -4.77 13.42 11.53
N SER B 350 -3.51 13.25 11.15
CA SER B 350 -2.85 14.28 10.35
C SER B 350 -3.52 14.50 8.99
N SER B 351 -4.12 13.46 8.42
CA SER B 351 -4.90 13.60 7.21
C SER B 351 -6.10 14.53 7.41
N VAL B 352 -6.91 14.26 8.42
CA VAL B 352 -8.10 15.11 8.65
C VAL B 352 -7.73 16.51 9.18
N VAL B 353 -6.63 16.61 9.91
CA VAL B 353 -6.15 17.89 10.39
C VAL B 353 -5.71 18.71 9.19
N GLY B 354 -5.00 18.08 8.26
CA GLY B 354 -4.62 18.75 7.03
C GLY B 354 -5.81 19.24 6.23
N GLU B 355 -6.84 18.42 6.11
CA GLU B 355 -8.09 18.81 5.44
C GLU B 355 -8.73 19.99 6.16
N THR B 356 -8.72 19.97 7.49
CA THR B 356 -9.32 21.00 8.32
C THR B 356 -8.60 22.33 8.16
N LEU B 357 -7.26 22.27 8.20
CA LEU B 357 -6.43 23.46 8.03
C LEU B 357 -6.62 24.10 6.66
N ALA B 358 -6.80 23.27 5.65
CA ALA B 358 -6.98 23.74 4.30
C ALA B 358 -8.33 24.47 4.21
N GLN B 359 -9.33 23.97 4.93
CA GLN B 359 -10.65 24.59 4.97
C GLN B 359 -10.60 25.90 5.73
N LEU B 360 -9.86 25.93 6.84
CA LEU B 360 -9.73 27.14 7.64
C LEU B 360 -8.98 28.22 6.88
N ALA B 361 -7.93 27.84 6.16
CA ALA B 361 -7.14 28.78 5.37
C ALA B 361 -7.90 29.37 4.18
N THR B 362 -8.74 28.57 3.53
CA THR B 362 -9.43 29.03 2.32
C THR B 362 -10.78 29.68 2.60
N THR B 363 -11.48 29.25 3.64
CA THR B 363 -12.84 29.75 3.92
C THR B 363 -13.02 30.42 5.29
N GLY B 364 -12.00 30.35 6.16
CA GLY B 364 -12.12 30.81 7.53
C GLY B 364 -13.01 29.98 8.45
N LYS B 365 -13.46 28.82 7.98
CA LYS B 365 -14.27 27.90 8.80
C LYS B 365 -14.05 26.44 8.37
N THR B 366 -14.62 25.51 9.12
CA THR B 366 -14.53 24.11 8.76
C THR B 366 -15.81 23.35 9.07
N GLU B 367 -16.08 22.35 8.25
CA GLU B 367 -17.23 21.47 8.42
C GLU B 367 -17.10 20.58 9.66
N HIS B 368 -15.86 20.32 10.08
CA HIS B 368 -15.65 19.44 11.24
C HIS B 368 -15.90 20.18 12.56
N ASP B 369 -16.36 19.42 13.56
CA ASP B 369 -16.54 19.95 14.92
C ASP B 369 -15.18 19.91 15.61
N ILE B 370 -14.53 21.07 15.67
CA ILE B 370 -13.22 21.19 16.30
C ILE B 370 -13.28 22.03 17.58
N SER B 371 -14.46 22.11 18.21
CA SER B 371 -14.65 22.95 19.41
C SER B 371 -13.83 22.45 20.60
N ILE B 372 -13.65 21.14 20.69
CA ILE B 372 -12.79 20.53 21.71
C ILE B 372 -11.31 20.94 21.61
N PHE B 373 -10.90 21.48 20.46
CA PHE B 373 -9.52 21.87 20.20
C PHE B 373 -9.34 23.39 20.19
N SER B 374 -10.34 24.10 20.70
CA SER B 374 -10.35 25.56 20.65
C SER B 374 -9.21 26.20 21.43
N LEU B 375 -8.70 27.31 20.92
CA LEU B 375 -7.68 28.11 21.58
C LEU B 375 -8.19 28.77 22.88
N ASN B 376 -9.49 29.08 22.90
CA ASN B 376 -10.14 29.82 24.00
C ASN B 376 -10.53 28.95 25.21
N ARG B 377 -10.26 27.65 25.11
CA ARG B 377 -10.48 26.64 26.14
C ARG B 377 -9.91 27.04 27.51
N ASP B 378 -10.65 26.76 28.58
CA ASP B 378 -10.21 27.08 29.95
C ASP B 378 -8.87 26.42 30.34
N ALA B 379 -8.64 25.18 29.91
CA ALA B 379 -7.39 24.48 30.17
C ALA B 379 -6.15 25.15 29.56
N LEU B 380 -6.33 26.01 28.57
CA LEU B 380 -5.23 26.79 28.01
C LEU B 380 -5.00 28.17 28.69
N LYS B 381 -5.74 28.44 29.77
CA LYS B 381 -5.46 29.52 30.76
C LYS B 381 -5.15 30.88 30.17
CL CL C . 0.67 -15.35 -19.81
PA FAD D . 4.43 -17.52 -13.57
O1A FAD D . 4.12 -16.34 -12.74
O2A FAD D . 5.66 -17.40 -14.47
O5B FAD D . 4.56 -18.75 -12.56
C5B FAD D . 5.01 -20.01 -13.06
C4B FAD D . 5.93 -20.59 -12.02
O4B FAD D . 6.15 -21.97 -12.27
C3B FAD D . 7.29 -19.87 -12.03
O3B FAD D . 7.58 -19.38 -10.74
C2B FAD D . 8.24 -20.98 -12.48
O2B FAD D . 9.53 -20.91 -11.92
C1B FAD D . 7.51 -22.24 -12.04
N9A FAD D . 7.85 -23.51 -12.72
C8A FAD D . 7.95 -23.74 -14.07
N7A FAD D . 8.25 -25.05 -14.26
C5A FAD D . 8.34 -25.66 -13.07
C6A FAD D . 8.63 -26.98 -12.69
N6A FAD D . 8.92 -27.96 -13.57
N1A FAD D . 8.63 -27.26 -11.35
C2A FAD D . 8.37 -26.31 -10.39
N3A FAD D . 8.08 -25.01 -10.76
C4A FAD D . 8.07 -24.70 -12.09
N1 FAD D . -1.25 -9.51 -17.01
C2 FAD D . -2.20 -8.58 -16.64
O2 FAD D . -3.24 -8.89 -16.06
N3 FAD D . -1.99 -7.23 -16.89
C4 FAD D . -0.83 -6.80 -17.53
O4 FAD D . -0.56 -5.60 -17.44
C4X FAD D . 0.11 -7.74 -17.92
N5 FAD D . 1.27 -7.37 -18.58
C5X FAD D . 2.24 -8.31 -18.88
C6 FAD D . 3.40 -7.93 -19.54
C7 FAD D . 4.38 -8.88 -19.83
C7M FAD D . 5.69 -8.37 -20.35
C8 FAD D . 4.16 -10.24 -19.56
C8M FAD D . 5.32 -11.17 -19.38
C9 FAD D . 2.98 -10.61 -18.94
C9A FAD D . 2.02 -9.67 -18.62
N10 FAD D . 0.84 -10.06 -18.01
C10 FAD D . -0.10 -9.11 -17.66
C1' FAD D . 0.44 -11.50 -18.02
C2' FAD D . 0.68 -12.12 -16.65
O2' FAD D . 1.89 -11.62 -16.11
C3' FAD D . 0.69 -13.64 -16.75
O3' FAD D . -0.53 -14.06 -17.37
C4' FAD D . 0.82 -14.31 -15.39
O4' FAD D . 1.94 -13.86 -14.68
C5' FAD D . 1.00 -15.83 -15.58
O5' FAD D . 1.04 -16.40 -14.30
P FAD D . 1.61 -17.89 -14.06
O1P FAD D . 0.84 -18.71 -15.04
O2P FAD D . 1.48 -18.24 -12.61
O3P FAD D . 3.16 -17.84 -14.50
CL CL E . 2.97 15.46 19.61
PA FAD F . 6.11 17.55 13.07
O1A FAD F . 5.70 16.37 12.27
O2A FAD F . 7.41 17.37 13.86
O5B FAD F . 6.19 18.77 12.08
C5B FAD F . 6.64 20.03 12.51
C4B FAD F . 7.57 20.57 11.43
O4B FAD F . 7.84 21.96 11.68
C3B FAD F . 8.90 19.84 11.34
O3B FAD F . 9.08 19.28 10.04
C2B FAD F . 9.91 20.95 11.66
O2B FAD F . 11.09 20.83 10.93
C1B FAD F . 9.15 22.20 11.26
N9A FAD F . 9.59 23.44 11.90
C8A FAD F . 9.82 23.67 13.23
N7A FAD F . 10.18 24.96 13.37
C5A FAD F . 10.14 25.57 12.18
C6A FAD F . 10.40 26.87 11.77
N6A FAD F . 10.75 27.83 12.65
N1A FAD F . 10.28 27.17 10.44
C2A FAD F . 9.92 26.22 9.52
N3A FAD F . 9.67 24.92 9.92
C4A FAD F . 9.75 24.62 11.24
N1 FAD F . 0.68 9.66 17.03
C2 FAD F . -0.31 8.75 16.73
O2 FAD F . -1.38 9.14 16.26
N3 FAD F . -0.08 7.40 16.92
C4 FAD F . 1.09 6.94 17.45
O4 FAD F . 1.38 5.74 17.35
C4X FAD F . 2.10 7.86 17.77
N5 FAD F . 3.32 7.43 18.30
C5X FAD F . 4.32 8.36 18.52
C6 FAD F . 5.52 7.94 19.08
C7 FAD F . 6.56 8.86 19.26
C7M FAD F . 7.89 8.33 19.75
C8 FAD F . 6.33 10.22 19.03
C8M FAD F . 7.47 11.18 18.81
C9 FAD F . 5.10 10.63 18.54
C9A FAD F . 4.10 9.72 18.30
N10 FAD F . 2.85 10.14 17.84
C10 FAD F . 1.88 9.21 17.55
C1' FAD F . 2.41 11.58 17.86
C2' FAD F . 2.60 12.20 16.49
O2' FAD F . 3.75 11.66 15.82
C3' FAD F . 2.66 13.72 16.61
O3' FAD F . 1.56 14.14 17.38
C4' FAD F . 2.65 14.41 15.24
O4' FAD F . 3.66 13.89 14.40
C5' FAD F . 2.86 15.91 15.39
O5' FAD F . 2.87 16.45 14.10
P FAD F . 3.39 17.95 13.82
O1P FAD F . 2.83 18.83 14.87
O2P FAD F . 3.06 18.28 12.39
O3P FAD F . 4.96 17.88 14.12
#